data_1O25
#
_entry.id   1O25
#
_cell.length_a   54.682
_cell.length_b   116.703
_cell.length_c   141.727
_cell.angle_alpha   90.00
_cell.angle_beta   90.00
_cell.angle_gamma   90.00
#
_symmetry.space_group_name_H-M   'P 21 21 21'
#
loop_
_entity.id
_entity.type
_entity.pdbx_description
1 polymer 'Thymidylate synthase thyX'
2 non-polymer "2'-DEOXYURIDINE 5'-MONOPHOSPHATE"
3 water water
#
_entity_poly.entity_id   1
_entity_poly.type   'polypeptide(L)'
_entity_poly.pdbx_seq_one_letter_code
;MGSDKIHHHHHHMKIDILDKGFVELVDVMGNDLSAVRAARVSFDMGLKDEERDRHLIEYLMKHGHETPFEHIVFTFHVKA
PIFVARQWFRHRIASYNELSGRYSKLSYEFYIPSPERLEGYKTTIPPERVTEKISEIVDKAYRTYLELIESGVPREVARI
VLPLNLYTRFFWTVNARSLMNFLNLRADSHAQWEIQQYALAIARIFKEKCPWTFEAFLKYAYKGDILKEVQV
;
_entity_poly.pdbx_strand_id   A,B,C,D
#
# COMPACT_ATOMS: atom_id res chain seq x y z
N HIS A 11 11.70 -23.66 3.93
CA HIS A 11 11.86 -23.83 2.45
C HIS A 11 11.52 -25.23 1.96
N HIS A 12 11.97 -25.56 0.76
CA HIS A 12 11.75 -26.87 0.15
C HIS A 12 10.35 -27.21 -0.36
N MET A 13 9.34 -27.08 0.50
CA MET A 13 7.96 -27.43 0.14
C MET A 13 7.52 -27.11 -1.29
N LYS A 14 6.95 -28.12 -1.97
CA LYS A 14 6.47 -27.97 -3.34
C LYS A 14 5.22 -28.80 -3.59
N ILE A 15 4.20 -28.16 -4.18
CA ILE A 15 2.94 -28.82 -4.48
C ILE A 15 2.61 -28.66 -5.97
N ASP A 16 2.30 -29.77 -6.64
CA ASP A 16 1.98 -29.73 -8.06
C ASP A 16 0.52 -29.35 -8.30
N ILE A 17 0.29 -28.40 -9.21
CA ILE A 17 -1.05 -27.93 -9.52
C ILE A 17 -1.36 -28.10 -11.00
N LEU A 18 -2.60 -28.46 -11.31
CA LEU A 18 -3.04 -28.66 -12.68
C LEU A 18 -2.13 -29.67 -13.37
N ASP A 19 -1.96 -29.53 -14.68
CA ASP A 19 -1.12 -30.47 -15.41
C ASP A 19 0.37 -30.15 -15.37
N LYS A 20 0.73 -28.88 -15.33
CA LYS A 20 2.14 -28.53 -15.33
C LYS A 20 2.59 -27.47 -14.33
N GLY A 21 1.66 -26.97 -13.52
CA GLY A 21 2.02 -25.93 -12.58
C GLY A 21 2.47 -26.43 -11.23
N PHE A 22 2.77 -25.49 -10.35
CA PHE A 22 3.20 -25.83 -9.00
C PHE A 22 3.31 -24.61 -8.12
N VAL A 23 3.43 -24.86 -6.83
CA VAL A 23 3.60 -23.84 -5.82
C VAL A 23 4.74 -24.33 -4.94
N GLU A 24 5.81 -23.57 -4.92
CA GLU A 24 6.99 -23.93 -4.14
C GLU A 24 7.28 -22.87 -3.09
N LEU A 25 7.49 -23.30 -1.85
CA LEU A 25 7.82 -22.37 -0.77
C LEU A 25 9.32 -22.10 -0.85
N VAL A 26 9.70 -20.85 -1.06
CA VAL A 26 11.10 -20.47 -1.17
C VAL A 26 11.74 -20.09 0.17
N ASP A 27 11.05 -19.24 0.94
CA ASP A 27 11.56 -18.78 2.23
C ASP A 27 10.41 -18.38 3.15
N VAL A 28 10.70 -18.30 4.43
CA VAL A 28 9.72 -17.93 5.44
C VAL A 28 10.44 -17.14 6.52
N MET A 29 9.76 -16.14 7.06
CA MET A 29 10.35 -15.38 8.15
C MET A 29 9.38 -15.42 9.31
N GLY A 30 9.84 -15.95 10.43
CA GLY A 30 9.01 -16.02 11.62
C GLY A 30 8.01 -17.15 11.60
N ASN A 31 7.19 -17.21 12.64
CA ASN A 31 6.14 -18.21 12.79
C ASN A 31 5.11 -17.66 13.76
N ASP A 32 4.26 -18.53 14.30
CA ASP A 32 3.22 -18.11 15.22
C ASP A 32 3.71 -17.17 16.33
N LEU A 33 4.84 -17.50 16.94
CA LEU A 33 5.37 -16.69 18.03
C LEU A 33 5.71 -15.28 17.59
N SER A 34 6.05 -15.13 16.31
CA SER A 34 6.38 -13.80 15.80
C SER A 34 5.19 -12.89 15.99
N ALA A 35 3.99 -13.45 15.83
CA ALA A 35 2.75 -12.70 15.99
C ALA A 35 2.53 -12.44 17.48
N VAL A 36 2.76 -13.48 18.29
CA VAL A 36 2.62 -13.34 19.73
C VAL A 36 3.51 -12.21 20.24
N ARG A 37 4.79 -12.27 19.89
CA ARG A 37 5.76 -11.24 20.30
C ARG A 37 5.25 -9.83 19.94
N ALA A 38 5.02 -9.61 18.66
CA ALA A 38 4.58 -8.32 18.17
C ALA A 38 3.37 -7.85 18.96
N ALA A 39 2.41 -8.74 19.15
CA ALA A 39 1.21 -8.42 19.91
C ALA A 39 1.55 -8.05 21.37
N ARG A 40 2.47 -8.79 21.98
CA ARG A 40 2.86 -8.55 23.36
C ARG A 40 3.35 -7.13 23.62
N VAL A 41 4.16 -6.61 22.70
CA VAL A 41 4.73 -5.28 22.86
C VAL A 41 3.73 -4.22 23.32
N SER A 42 2.50 -4.31 22.86
CA SER A 42 1.47 -3.33 23.22
C SER A 42 1.21 -3.30 24.72
N PHE A 43 1.36 -4.45 25.38
CA PHE A 43 1.13 -4.55 26.81
C PHE A 43 2.42 -4.54 27.64
N ASP A 44 3.55 -4.30 26.98
CA ASP A 44 4.86 -4.28 27.65
C ASP A 44 5.30 -5.70 28.00
N MET A 45 4.55 -6.70 27.53
CA MET A 45 4.84 -8.11 27.80
C MET A 45 5.48 -8.82 26.62
N ASP A 49 4.80 -18.83 27.79
CA ASP A 49 3.76 -19.79 28.11
C ASP A 49 3.08 -20.30 26.85
N GLU A 50 3.25 -21.59 26.57
CA GLU A 50 2.65 -22.16 25.39
C GLU A 50 1.13 -22.06 25.38
N GLU A 51 0.52 -22.28 26.54
CA GLU A 51 -0.93 -22.23 26.63
C GLU A 51 -1.52 -20.83 26.49
N ARG A 52 -0.81 -19.84 27.01
CA ARG A 52 -1.27 -18.45 26.94
C ARG A 52 -1.00 -17.84 25.57
N ASP A 53 0.19 -18.10 25.04
CA ASP A 53 0.57 -17.57 23.72
C ASP A 53 -0.42 -17.99 22.64
N ARG A 54 -0.85 -19.24 22.68
CA ARG A 54 -1.78 -19.75 21.69
C ARG A 54 -3.16 -19.13 21.91
N HIS A 55 -3.55 -18.99 23.16
CA HIS A 55 -4.84 -18.41 23.51
C HIS A 55 -4.86 -16.97 23.00
N LEU A 56 -3.68 -16.35 22.95
CA LEU A 56 -3.55 -14.97 22.48
C LEU A 56 -3.81 -14.91 20.96
N ILE A 57 -3.21 -15.84 20.23
CA ILE A 57 -3.39 -15.86 18.79
C ILE A 57 -4.87 -16.03 18.46
N GLU A 58 -5.58 -16.85 19.22
CA GLU A 58 -7.01 -17.04 18.99
C GLU A 58 -7.75 -15.77 19.37
N TYR A 59 -7.26 -15.10 20.41
CA TYR A 59 -7.85 -13.85 20.85
C TYR A 59 -7.73 -12.80 19.74
N LEU A 60 -6.55 -12.68 19.15
CA LEU A 60 -6.28 -11.72 18.07
C LEU A 60 -7.17 -11.96 16.85
N MET A 61 -7.33 -13.23 16.49
CA MET A 61 -8.15 -13.60 15.35
C MET A 61 -9.61 -13.32 15.67
N LYS A 62 -10.07 -13.84 16.81
CA LYS A 62 -11.45 -13.64 17.25
C LYS A 62 -11.90 -12.17 17.06
N HIS A 63 -11.19 -11.25 17.69
CA HIS A 63 -11.54 -9.84 17.64
C HIS A 63 -11.00 -9.06 16.45
N GLY A 64 -10.41 -9.76 15.51
CA GLY A 64 -9.89 -9.10 14.31
C GLY A 64 -8.66 -8.24 14.41
N HIS A 65 -7.82 -8.41 15.43
CA HIS A 65 -6.58 -7.63 15.52
C HIS A 65 -5.61 -8.36 14.61
N GLU A 66 -5.56 -7.95 13.34
CA GLU A 66 -4.72 -8.61 12.35
C GLU A 66 -3.31 -8.07 12.16
N THR A 67 -3.03 -6.88 12.69
CA THR A 67 -1.70 -6.29 12.51
C THR A 67 -0.52 -7.18 12.89
N PRO A 68 -0.59 -7.89 14.03
CA PRO A 68 0.49 -8.77 14.48
C PRO A 68 0.94 -9.84 13.48
N PHE A 69 -0.01 -10.38 12.72
CA PHE A 69 0.30 -11.42 11.76
C PHE A 69 1.05 -10.91 10.54
N GLU A 70 1.27 -9.59 10.47
CA GLU A 70 1.99 -8.99 9.35
C GLU A 70 3.49 -9.24 9.50
N HIS A 71 3.90 -9.65 10.68
CA HIS A 71 5.30 -9.92 10.93
C HIS A 71 5.72 -11.34 10.52
N ILE A 72 4.80 -12.06 9.86
CA ILE A 72 5.07 -13.40 9.37
C ILE A 72 5.07 -13.24 7.86
N VAL A 73 6.20 -13.51 7.22
CA VAL A 73 6.32 -13.32 5.79
C VAL A 73 6.74 -14.57 5.02
N PHE A 74 6.19 -14.76 3.83
CA PHE A 74 6.51 -15.92 2.98
C PHE A 74 6.98 -15.54 1.59
N THR A 75 7.80 -16.39 0.99
CA THR A 75 8.25 -16.19 -0.37
C THR A 75 7.91 -17.46 -1.15
N PHE A 76 6.99 -17.35 -2.12
CA PHE A 76 6.60 -18.50 -2.94
C PHE A 76 7.17 -18.38 -4.35
N HIS A 77 7.24 -19.53 -5.02
CA HIS A 77 7.71 -19.61 -6.40
C HIS A 77 6.53 -20.30 -7.09
N VAL A 78 5.90 -19.59 -8.02
CA VAL A 78 4.73 -20.15 -8.67
C VAL A 78 4.82 -20.29 -10.17
N LYS A 79 4.28 -21.40 -10.67
CA LYS A 79 4.22 -21.65 -12.11
C LYS A 79 2.74 -21.89 -12.41
N ALA A 80 2.12 -20.97 -13.12
CA ALA A 80 0.70 -21.07 -13.45
C ALA A 80 0.35 -20.35 -14.73
N PRO A 81 -0.78 -20.72 -15.35
CA PRO A 81 -1.18 -20.05 -16.59
C PRO A 81 -1.49 -18.58 -16.35
N ILE A 82 -1.29 -17.76 -17.38
CA ILE A 82 -1.53 -16.34 -17.27
C ILE A 82 -2.92 -15.95 -16.78
N PHE A 83 -3.97 -16.63 -17.23
CA PHE A 83 -5.30 -16.25 -16.75
C PHE A 83 -5.46 -16.44 -15.25
N VAL A 84 -4.73 -17.37 -14.65
CA VAL A 84 -4.79 -17.56 -13.19
C VAL A 84 -3.90 -16.49 -12.55
N ALA A 85 -2.72 -16.27 -13.11
CA ALA A 85 -1.78 -15.28 -12.59
C ALA A 85 -2.36 -13.87 -12.57
N ARG A 86 -3.09 -13.48 -13.62
CA ARG A 86 -3.71 -12.16 -13.69
C ARG A 86 -4.64 -11.95 -12.50
N GLN A 87 -5.47 -12.95 -12.21
CA GLN A 87 -6.40 -12.89 -11.09
C GLN A 87 -5.57 -12.71 -9.81
N TRP A 88 -4.50 -13.50 -9.73
CA TRP A 88 -3.60 -13.51 -8.59
C TRP A 88 -2.89 -12.17 -8.33
N PHE A 89 -2.43 -11.53 -9.40
CA PHE A 89 -1.70 -10.27 -9.25
C PHE A 89 -2.56 -9.09 -8.81
N ARG A 90 -3.87 -9.30 -8.81
CA ARG A 90 -4.78 -8.24 -8.37
C ARG A 90 -4.60 -7.93 -6.87
N HIS A 91 -3.93 -8.82 -6.15
CA HIS A 91 -3.70 -8.62 -4.71
C HIS A 91 -2.50 -7.67 -4.59
N ARG A 92 -2.79 -6.43 -4.20
CA ARG A 92 -1.78 -5.39 -4.11
C ARG A 92 -0.81 -5.36 -2.94
N ILE A 93 -1.19 -5.84 -1.76
CA ILE A 93 -0.24 -5.82 -0.64
C ILE A 93 0.68 -7.04 -0.77
N ALA A 94 1.53 -7.01 -1.80
CA ALA A 94 2.45 -8.10 -2.07
C ALA A 94 3.52 -7.66 -3.08
N SER A 95 4.57 -8.47 -3.19
CA SER A 95 5.67 -8.19 -4.10
C SER A 95 5.73 -9.30 -5.13
N TYR A 96 5.98 -8.94 -6.38
CA TYR A 96 6.06 -9.94 -7.42
C TYR A 96 7.20 -9.68 -8.38
N ASN A 97 7.65 -10.76 -9.01
CA ASN A 97 8.66 -10.72 -10.05
C ASN A 97 8.24 -11.87 -10.96
N GLU A 98 8.01 -11.56 -12.23
CA GLU A 98 7.54 -12.57 -13.18
C GLU A 98 8.39 -12.72 -14.44
N LEU A 99 8.29 -13.91 -15.04
CA LEU A 99 8.98 -14.25 -16.29
C LEU A 99 8.54 -13.21 -17.31
N SER A 100 9.48 -12.66 -18.06
CA SER A 100 9.17 -11.64 -19.05
C SER A 100 8.96 -12.16 -20.47
N GLY A 101 7.76 -11.93 -20.99
CA GLY A 101 7.46 -12.35 -22.34
C GLY A 101 8.14 -11.45 -23.36
N ARG A 102 8.62 -10.30 -22.92
CA ARG A 102 9.31 -9.44 -23.88
C ARG A 102 10.82 -9.60 -23.78
N TYR A 103 11.28 -10.37 -22.81
CA TYR A 103 12.72 -10.55 -22.66
C TYR A 103 13.24 -11.96 -22.87
N SER A 104 12.35 -12.93 -23.02
CA SER A 104 12.81 -14.30 -23.22
C SER A 104 11.92 -15.13 -24.14
N LYS A 105 12.52 -16.14 -24.76
CA LYS A 105 11.79 -17.04 -25.64
C LYS A 105 10.94 -17.93 -24.75
N LEU A 106 9.62 -17.83 -24.89
CA LEU A 106 8.69 -18.61 -24.07
C LEU A 106 8.59 -20.07 -24.49
N SER A 107 8.53 -20.96 -23.50
CA SER A 107 8.45 -22.39 -23.75
C SER A 107 7.05 -22.87 -24.12
N TYR A 108 7.02 -24.04 -24.76
CA TYR A 108 5.77 -24.67 -25.18
C TYR A 108 5.17 -25.39 -23.96
N GLU A 109 4.48 -24.62 -23.12
CA GLU A 109 3.85 -25.16 -21.92
C GLU A 109 2.54 -24.42 -21.71
N PHE A 110 1.44 -25.17 -21.83
CA PHE A 110 0.12 -24.59 -21.67
C PHE A 110 -0.75 -25.47 -20.82
N TYR A 111 -1.68 -24.86 -20.10
CA TYR A 111 -2.60 -25.60 -19.28
C TYR A 111 -3.67 -26.22 -20.18
N ILE A 112 -3.74 -27.54 -20.20
CA ILE A 112 -4.75 -28.21 -21.00
C ILE A 112 -5.77 -28.82 -20.04
N PRO A 113 -6.98 -28.25 -19.99
CA PRO A 113 -7.98 -28.82 -19.09
C PRO A 113 -8.21 -30.30 -19.37
N SER A 114 -8.39 -31.11 -18.34
CA SER A 114 -8.64 -32.52 -18.54
C SER A 114 -10.15 -32.67 -18.77
N PRO A 115 -10.57 -33.82 -19.31
CA PRO A 115 -11.98 -34.11 -19.59
C PRO A 115 -12.90 -33.95 -18.38
N GLU A 116 -12.36 -34.25 -17.19
CA GLU A 116 -13.12 -34.18 -15.96
C GLU A 116 -13.46 -32.75 -15.55
N ARG A 117 -12.66 -31.80 -16.02
CA ARG A 117 -12.89 -30.40 -15.72
C ARG A 117 -14.29 -30.03 -16.22
N LEU A 118 -14.77 -30.80 -17.20
CA LEU A 118 -16.07 -30.57 -17.80
C LEU A 118 -17.23 -31.28 -17.10
N GLU A 119 -16.92 -32.24 -16.24
CA GLU A 119 -17.95 -32.97 -15.52
C GLU A 119 -18.92 -32.02 -14.85
N GLY A 120 -20.21 -32.31 -14.99
CA GLY A 120 -21.22 -31.46 -14.40
C GLY A 120 -21.85 -30.64 -15.51
N TYR A 121 -21.20 -30.64 -16.68
CA TYR A 121 -21.68 -29.90 -17.83
C TYR A 121 -22.00 -30.83 -18.99
N LYS A 122 -23.20 -30.69 -19.54
CA LYS A 122 -23.62 -31.50 -20.67
C LYS A 122 -23.24 -30.71 -21.93
N THR A 123 -22.14 -31.09 -22.56
CA THR A 123 -21.67 -30.38 -23.75
C THR A 123 -21.91 -31.17 -25.04
N THR A 124 -22.11 -30.46 -26.15
CA THR A 124 -22.35 -31.08 -27.45
C THR A 124 -21.30 -32.15 -27.72
N ILE A 125 -20.09 -31.70 -28.02
CA ILE A 125 -18.99 -32.63 -28.28
C ILE A 125 -18.46 -33.16 -26.97
N PRO A 126 -17.94 -34.40 -26.98
CA PRO A 126 -17.39 -35.03 -25.79
C PRO A 126 -16.25 -34.21 -25.18
N PRO A 127 -16.03 -34.34 -23.87
CA PRO A 127 -14.98 -33.59 -23.19
C PRO A 127 -13.62 -33.85 -23.85
N GLU A 128 -13.37 -35.12 -24.15
CA GLU A 128 -12.12 -35.51 -24.80
C GLU A 128 -11.90 -34.59 -25.98
N ARG A 129 -12.98 -34.33 -26.72
CA ARG A 129 -12.94 -33.45 -27.90
C ARG A 129 -12.53 -32.03 -27.56
N VAL A 130 -13.12 -31.50 -26.50
CA VAL A 130 -12.82 -30.14 -26.06
C VAL A 130 -11.33 -30.05 -25.77
N THR A 131 -10.82 -31.05 -25.05
CA THR A 131 -9.42 -31.13 -24.72
C THR A 131 -8.59 -31.08 -26.00
N GLU A 132 -8.99 -31.91 -26.97
CA GLU A 132 -8.33 -32.00 -28.27
C GLU A 132 -8.27 -30.64 -28.97
N LYS A 133 -9.42 -29.99 -29.08
CA LYS A 133 -9.50 -28.70 -29.75
C LYS A 133 -8.68 -27.60 -29.07
N ILE A 134 -8.63 -27.63 -27.74
CA ILE A 134 -7.85 -26.63 -27.03
C ILE A 134 -6.38 -26.88 -27.31
N SER A 135 -6.00 -28.16 -27.34
CA SER A 135 -4.61 -28.54 -27.61
C SER A 135 -4.21 -28.05 -28.99
N GLU A 136 -5.11 -28.22 -29.96
CA GLU A 136 -4.82 -27.82 -31.34
C GLU A 136 -4.62 -26.32 -31.55
N ILE A 137 -5.55 -25.53 -31.02
CA ILE A 137 -5.46 -24.09 -31.17
C ILE A 137 -4.17 -23.59 -30.56
N VAL A 138 -3.83 -24.15 -29.39
CA VAL A 138 -2.61 -23.80 -28.67
C VAL A 138 -1.37 -24.12 -29.50
N ASP A 139 -1.44 -25.23 -30.22
CA ASP A 139 -0.35 -25.68 -31.07
C ASP A 139 -0.15 -24.73 -32.25
N LYS A 140 -1.24 -24.31 -32.86
CA LYS A 140 -1.16 -23.40 -34.00
C LYS A 140 -0.65 -22.04 -33.54
N ALA A 141 -1.16 -21.57 -32.41
CA ALA A 141 -0.74 -20.29 -31.87
C ALA A 141 0.74 -20.31 -31.56
N TYR A 142 1.22 -21.36 -30.90
CA TYR A 142 2.63 -21.43 -30.57
C TYR A 142 3.53 -21.46 -31.81
N ARG A 143 3.14 -22.25 -32.81
CA ARG A 143 3.92 -22.35 -34.05
C ARG A 143 3.99 -21.00 -34.76
N THR A 144 2.90 -20.25 -34.75
CA THR A 144 2.90 -18.94 -35.39
C THR A 144 3.85 -18.05 -34.58
N TYR A 145 3.83 -18.21 -33.27
CA TYR A 145 4.71 -17.45 -32.39
C TYR A 145 6.16 -17.77 -32.76
N LEU A 146 6.50 -19.05 -32.83
CA LEU A 146 7.86 -19.44 -33.18
C LEU A 146 8.21 -18.97 -34.58
N GLU A 147 7.22 -18.99 -35.46
CA GLU A 147 7.43 -18.57 -36.84
C GLU A 147 7.81 -17.08 -36.93
N LEU A 148 7.09 -16.23 -36.20
CA LEU A 148 7.38 -14.80 -36.24
C LEU A 148 8.70 -14.50 -35.54
N ILE A 149 9.04 -15.28 -34.52
CA ILE A 149 10.29 -15.07 -33.82
C ILE A 149 11.44 -15.31 -34.80
N GLU A 150 11.46 -16.49 -35.42
CA GLU A 150 12.51 -16.83 -36.37
C GLU A 150 12.55 -15.87 -37.54
N SER A 151 11.42 -15.22 -37.81
CA SER A 151 11.29 -14.27 -38.90
C SER A 151 11.87 -12.89 -38.54
N GLY A 152 12.37 -12.75 -37.32
CA GLY A 152 12.95 -11.48 -36.90
C GLY A 152 12.01 -10.54 -36.16
N VAL A 153 10.78 -10.96 -35.93
CA VAL A 153 9.81 -10.13 -35.22
C VAL A 153 10.18 -10.06 -33.74
N PRO A 154 10.13 -8.87 -33.15
CA PRO A 154 10.46 -8.71 -31.72
C PRO A 154 9.58 -9.60 -30.84
N ARG A 155 10.20 -10.19 -29.81
CA ARG A 155 9.51 -11.07 -28.88
C ARG A 155 8.27 -10.44 -28.26
N GLU A 156 8.41 -9.18 -27.83
CA GLU A 156 7.31 -8.47 -27.20
C GLU A 156 6.11 -8.34 -28.12
N VAL A 157 6.34 -8.45 -29.43
CA VAL A 157 5.26 -8.35 -30.39
C VAL A 157 4.71 -9.73 -30.80
N ALA A 158 5.62 -10.70 -30.94
CA ALA A 158 5.24 -12.05 -31.36
C ALA A 158 4.42 -12.83 -30.33
N ARG A 159 4.69 -12.62 -29.04
CA ARG A 159 3.96 -13.34 -28.01
C ARG A 159 2.51 -12.92 -27.83
N ILE A 160 2.06 -11.89 -28.57
CA ILE A 160 0.68 -11.43 -28.42
C ILE A 160 -0.36 -12.37 -29.04
N VAL A 161 0.13 -13.40 -29.72
CA VAL A 161 -0.76 -14.36 -30.37
C VAL A 161 -0.93 -15.60 -29.49
N LEU A 162 -0.22 -15.65 -28.36
CA LEU A 162 -0.30 -16.78 -27.45
C LEU A 162 -1.53 -16.68 -26.55
N PRO A 163 -2.26 -17.79 -26.39
CA PRO A 163 -3.47 -17.85 -25.56
C PRO A 163 -3.21 -17.66 -24.07
N LEU A 164 -4.28 -17.30 -23.34
CA LEU A 164 -4.19 -17.04 -21.90
C LEU A 164 -3.88 -18.25 -21.02
N ASN A 165 -3.84 -19.44 -21.59
CA ASN A 165 -3.54 -20.61 -20.78
C ASN A 165 -2.06 -20.96 -20.77
N LEU A 166 -1.24 -20.04 -21.32
CA LEU A 166 0.21 -20.23 -21.36
C LEU A 166 0.70 -20.14 -19.92
N TYR A 167 1.65 -20.99 -19.54
CA TYR A 167 2.20 -20.97 -18.19
C TYR A 167 3.25 -19.87 -18.03
N THR A 168 3.23 -19.24 -16.86
CA THR A 168 4.22 -18.23 -16.55
C THR A 168 4.76 -18.60 -15.18
N ARG A 169 5.82 -17.92 -14.75
CA ARG A 169 6.42 -18.19 -13.45
C ARG A 169 6.73 -16.91 -12.70
N PHE A 170 6.52 -16.93 -11.39
CA PHE A 170 6.79 -15.75 -10.58
C PHE A 170 7.09 -16.05 -9.13
N PHE A 171 7.72 -15.07 -8.49
CA PHE A 171 8.04 -15.14 -7.08
C PHE A 171 7.01 -14.29 -6.37
N TRP A 172 6.56 -14.73 -5.21
CA TRP A 172 5.56 -14.00 -4.46
C TRP A 172 5.94 -13.89 -2.99
N THR A 173 6.15 -12.66 -2.53
CA THR A 173 6.45 -12.41 -1.13
C THR A 173 5.23 -11.67 -0.55
N VAL A 174 4.57 -12.35 0.38
CA VAL A 174 3.35 -11.84 0.99
C VAL A 174 3.34 -12.17 2.48
N ASN A 175 2.76 -11.30 3.31
CA ASN A 175 2.71 -11.61 4.73
C ASN A 175 1.44 -12.41 5.06
N ALA A 176 1.42 -12.98 6.27
CA ALA A 176 0.32 -13.81 6.76
C ALA A 176 -1.06 -13.15 6.73
N ARG A 177 -1.14 -11.88 7.14
CA ARG A 177 -2.42 -11.19 7.14
C ARG A 177 -2.92 -11.07 5.70
N SER A 178 -2.04 -10.59 4.83
CA SER A 178 -2.38 -10.43 3.43
C SER A 178 -2.72 -11.80 2.83
N LEU A 179 -2.03 -12.84 3.30
CA LEU A 179 -2.27 -14.20 2.83
C LEU A 179 -3.67 -14.70 3.24
N MET A 180 -4.11 -14.38 4.47
CA MET A 180 -5.44 -14.81 4.89
C MET A 180 -6.50 -14.06 4.08
N ASN A 181 -6.13 -12.89 3.57
CA ASN A 181 -7.02 -12.07 2.75
C ASN A 181 -7.16 -12.72 1.38
N PHE A 182 -6.05 -13.26 0.87
CA PHE A 182 -5.98 -13.94 -0.42
C PHE A 182 -6.82 -15.21 -0.41
N LEU A 183 -6.82 -15.91 0.72
CA LEU A 183 -7.56 -17.15 0.85
C LEU A 183 -9.06 -16.92 0.98
N ASN A 184 -9.46 -15.84 1.65
CA ASN A 184 -10.88 -15.57 1.79
C ASN A 184 -11.54 -15.37 0.42
N LEU A 185 -10.76 -14.92 -0.56
CA LEU A 185 -11.28 -14.69 -1.90
C LEU A 185 -11.04 -15.85 -2.87
N ARG A 186 -9.85 -16.42 -2.86
CA ARG A 186 -9.51 -17.52 -3.76
C ARG A 186 -9.84 -18.91 -3.23
N ALA A 187 -9.81 -19.08 -1.91
CA ALA A 187 -10.16 -20.36 -1.31
C ALA A 187 -11.69 -20.35 -1.15
N ASP A 188 -12.39 -20.28 -2.27
CA ASP A 188 -13.84 -20.23 -2.26
C ASP A 188 -14.40 -20.82 -3.54
N SER A 189 -15.48 -21.59 -3.39
CA SER A 189 -16.14 -22.23 -4.53
C SER A 189 -16.65 -21.22 -5.56
N HIS A 190 -16.78 -19.95 -5.16
CA HIS A 190 -17.25 -18.91 -6.06
C HIS A 190 -16.13 -18.32 -6.91
N ALA A 191 -14.94 -18.86 -6.79
CA ALA A 191 -13.80 -18.41 -7.58
C ALA A 191 -13.55 -19.53 -8.58
N GLN A 192 -12.99 -19.20 -9.73
CA GLN A 192 -12.73 -20.22 -10.76
C GLN A 192 -11.99 -21.41 -10.15
N TRP A 193 -12.39 -22.61 -10.58
CA TRP A 193 -11.78 -23.84 -10.07
C TRP A 193 -10.25 -23.78 -10.06
N GLU A 194 -9.67 -23.40 -11.19
CA GLU A 194 -8.21 -23.33 -11.31
C GLU A 194 -7.53 -22.46 -10.25
N ILE A 195 -8.13 -21.34 -9.87
CA ILE A 195 -7.54 -20.47 -8.86
C ILE A 195 -7.72 -21.15 -7.50
N GLN A 196 -8.83 -21.87 -7.34
CA GLN A 196 -9.10 -22.59 -6.11
C GLN A 196 -7.96 -23.58 -5.79
N GLN A 197 -7.55 -24.33 -6.81
CA GLN A 197 -6.48 -25.31 -6.67
C GLN A 197 -5.20 -24.68 -6.16
N TYR A 198 -4.82 -23.53 -6.73
CA TYR A 198 -3.63 -22.85 -6.28
C TYR A 198 -3.84 -22.33 -4.86
N ALA A 199 -5.02 -21.80 -4.60
CA ALA A 199 -5.33 -21.28 -3.27
C ALA A 199 -5.23 -22.42 -2.24
N LEU A 200 -5.71 -23.60 -2.60
CA LEU A 200 -5.64 -24.74 -1.69
C LEU A 200 -4.20 -25.09 -1.37
N ALA A 201 -3.32 -24.93 -2.36
CA ALA A 201 -1.90 -25.22 -2.17
C ALA A 201 -1.24 -24.22 -1.22
N ILE A 202 -1.54 -22.94 -1.41
CA ILE A 202 -0.99 -21.89 -0.56
C ILE A 202 -1.40 -22.14 0.89
N ALA A 203 -2.68 -22.47 1.09
CA ALA A 203 -3.20 -22.76 2.42
C ALA A 203 -2.46 -23.91 3.09
N ARG A 204 -2.14 -24.96 2.33
CA ARG A 204 -1.42 -26.11 2.86
C ARG A 204 -0.08 -25.71 3.45
N ILE A 205 0.65 -24.86 2.73
CA ILE A 205 1.95 -24.42 3.19
C ILE A 205 1.76 -23.48 4.39
N PHE A 206 0.80 -22.57 4.29
CA PHE A 206 0.51 -21.65 5.38
C PHE A 206 0.27 -22.49 6.64
N LYS A 207 -0.58 -23.51 6.52
CA LYS A 207 -0.90 -24.42 7.61
C LYS A 207 0.37 -25.05 8.22
N GLU A 208 1.19 -25.65 7.37
CA GLU A 208 2.43 -26.29 7.80
C GLU A 208 3.36 -25.39 8.61
N LYS A 209 3.55 -24.16 8.16
CA LYS A 209 4.44 -23.21 8.81
C LYS A 209 3.85 -22.43 10.00
N CYS A 210 2.55 -22.20 9.99
CA CYS A 210 1.89 -21.45 11.05
C CYS A 210 0.59 -22.14 11.47
N PRO A 211 0.71 -23.33 12.11
CA PRO A 211 -0.41 -24.15 12.58
C PRO A 211 -1.44 -23.37 13.40
N TRP A 212 -0.97 -22.73 14.47
CA TRP A 212 -1.82 -21.97 15.37
C TRP A 212 -2.56 -20.85 14.66
N THR A 213 -1.83 -20.03 13.93
CA THR A 213 -2.43 -18.94 13.21
C THR A 213 -3.42 -19.49 12.19
N PHE A 214 -3.01 -20.51 11.46
CA PHE A 214 -3.88 -21.11 10.46
C PHE A 214 -5.15 -21.69 11.08
N GLU A 215 -4.99 -22.50 12.12
CA GLU A 215 -6.12 -23.13 12.78
C GLU A 215 -7.10 -22.10 13.37
N ALA A 216 -6.57 -20.99 13.85
CA ALA A 216 -7.42 -19.95 14.42
C ALA A 216 -8.15 -19.27 13.25
N PHE A 217 -7.42 -19.07 12.16
CA PHE A 217 -7.97 -18.44 10.95
C PHE A 217 -9.24 -19.17 10.55
N LEU A 218 -9.11 -20.47 10.29
CA LEU A 218 -10.25 -21.29 9.90
C LEU A 218 -11.45 -21.14 10.83
N LYS A 219 -11.16 -21.09 12.13
CA LYS A 219 -12.20 -20.98 13.15
C LYS A 219 -12.89 -19.63 13.40
N TYR A 220 -12.16 -18.52 13.24
CA TYR A 220 -12.77 -17.23 13.52
C TYR A 220 -12.71 -16.14 12.46
N ALA A 221 -12.18 -16.44 11.29
CA ALA A 221 -12.08 -15.41 10.26
C ALA A 221 -12.32 -15.87 8.82
N TYR A 222 -11.87 -17.08 8.51
CA TYR A 222 -12.06 -17.64 7.17
C TYR A 222 -13.49 -17.45 6.67
N LYS A 223 -13.66 -16.55 5.70
CA LYS A 223 -14.98 -16.27 5.14
C LYS A 223 -15.27 -17.14 3.92
N GLY A 224 -14.32 -18.02 3.59
CA GLY A 224 -14.49 -18.91 2.45
C GLY A 224 -15.33 -20.12 2.80
N ASP A 225 -15.32 -21.12 1.91
CA ASP A 225 -16.11 -22.33 2.15
C ASP A 225 -15.50 -23.66 1.73
N ILE A 226 -14.29 -23.66 1.21
CA ILE A 226 -13.68 -24.91 0.76
C ILE A 226 -12.52 -25.43 1.61
N LEU A 227 -12.09 -24.63 2.59
CA LEU A 227 -11.00 -25.07 3.45
C LEU A 227 -11.57 -25.78 4.67
N MET B 13 22.16 -8.64 18.01
CA MET B 13 22.68 -7.42 17.34
C MET B 13 21.88 -6.20 17.78
N LYS B 14 22.34 -5.55 18.83
CA LYS B 14 21.67 -4.39 19.39
C LYS B 14 22.56 -3.14 19.35
N ILE B 15 21.97 -2.04 18.90
CA ILE B 15 22.70 -0.77 18.82
C ILE B 15 22.01 0.30 19.66
N ASP B 16 22.78 0.96 20.52
CA ASP B 16 22.23 2.01 21.37
C ASP B 16 22.16 3.35 20.66
N ILE B 17 21.02 4.02 20.81
CA ILE B 17 20.81 5.31 20.20
C ILE B 17 20.41 6.28 21.30
N LEU B 18 20.84 7.53 21.15
CA LEU B 18 20.52 8.57 22.13
C LEU B 18 20.88 8.11 23.54
N ASP B 19 20.23 8.67 24.56
CA ASP B 19 20.56 8.28 25.93
C ASP B 19 19.93 6.98 26.44
N LYS B 20 18.76 6.60 25.94
CA LYS B 20 18.13 5.36 26.40
C LYS B 20 17.48 4.53 25.30
N GLY B 21 17.62 4.95 24.05
CA GLY B 21 16.99 4.22 22.96
C GLY B 21 17.87 3.19 22.29
N PHE B 22 17.27 2.43 21.36
CA PHE B 22 18.01 1.42 20.63
C PHE B 22 17.32 0.89 19.37
N VAL B 23 18.10 0.17 18.58
CA VAL B 23 17.65 -0.46 17.35
C VAL B 23 18.18 -1.88 17.44
N GLU B 24 17.27 -2.84 17.50
CA GLU B 24 17.65 -4.23 17.60
C GLU B 24 17.02 -5.04 16.46
N LEU B 25 17.80 -5.93 15.86
CA LEU B 25 17.30 -6.76 14.77
C LEU B 25 16.61 -8.00 15.33
N VAL B 26 15.34 -8.19 15.00
CA VAL B 26 14.60 -9.33 15.51
C VAL B 26 14.70 -10.53 14.55
N ASP B 27 14.36 -10.30 13.29
CA ASP B 27 14.41 -11.37 12.31
C ASP B 27 14.79 -10.84 10.93
N VAL B 28 15.07 -11.77 10.01
CA VAL B 28 15.44 -11.42 8.64
C VAL B 28 15.10 -12.57 7.70
N MET B 29 14.65 -12.23 6.50
CA MET B 29 14.38 -13.26 5.50
C MET B 29 15.18 -12.94 4.25
N GLY B 30 15.89 -13.94 3.76
CA GLY B 30 16.69 -13.78 2.56
C GLY B 30 17.93 -12.94 2.73
N ASN B 31 18.53 -12.59 1.59
CA ASN B 31 19.75 -11.79 1.55
C ASN B 31 19.91 -11.30 0.10
N ASP B 32 21.11 -10.80 -0.22
CA ASP B 32 21.38 -10.32 -1.56
C ASP B 32 20.95 -11.30 -2.65
N LEU B 33 21.17 -12.58 -2.42
CA LEU B 33 20.81 -13.58 -3.43
C LEU B 33 19.31 -13.74 -3.60
N SER B 34 18.53 -13.31 -2.60
CA SER B 34 17.08 -13.39 -2.71
C SER B 34 16.67 -12.47 -3.85
N ALA B 35 17.31 -11.31 -3.92
CA ALA B 35 17.03 -10.35 -4.97
C ALA B 35 17.53 -10.89 -6.30
N VAL B 36 18.62 -11.65 -6.25
CA VAL B 36 19.18 -12.22 -7.46
C VAL B 36 18.20 -13.22 -8.06
N ARG B 37 17.64 -14.10 -7.23
CA ARG B 37 16.66 -15.08 -7.71
C ARG B 37 15.51 -14.38 -8.42
N ALA B 38 14.87 -13.49 -7.68
CA ALA B 38 13.73 -12.73 -8.20
C ALA B 38 13.99 -12.19 -9.59
N ALA B 39 14.99 -11.33 -9.71
CA ALA B 39 15.33 -10.73 -10.99
C ALA B 39 15.61 -11.76 -12.09
N ARG B 40 16.17 -12.91 -11.71
CA ARG B 40 16.49 -13.94 -12.69
C ARG B 40 15.24 -14.43 -13.43
N VAL B 41 14.20 -14.75 -12.68
CA VAL B 41 12.94 -15.25 -13.23
C VAL B 41 12.48 -14.50 -14.49
N SER B 42 12.76 -13.20 -14.56
CA SER B 42 12.37 -12.40 -15.72
C SER B 42 12.93 -12.93 -17.04
N PHE B 43 14.20 -13.33 -17.03
CA PHE B 43 14.83 -13.84 -18.25
C PHE B 43 14.91 -15.36 -18.25
N ASP B 44 14.03 -16.00 -17.47
CA ASP B 44 13.99 -17.47 -17.38
C ASP B 44 15.24 -18.04 -16.71
N MET B 45 15.93 -17.22 -15.91
CA MET B 45 17.15 -17.67 -15.24
C MET B 45 16.96 -17.81 -13.73
N ASP B 49 24.08 -18.35 -11.47
CA ASP B 49 25.31 -17.68 -11.82
C ASP B 49 26.38 -17.78 -10.74
N GLU B 50 26.86 -16.65 -10.26
CA GLU B 50 27.87 -16.64 -9.23
C GLU B 50 28.41 -15.24 -8.98
N GLU B 51 29.55 -14.91 -9.59
CA GLU B 51 30.15 -13.60 -9.43
C GLU B 51 29.36 -12.58 -10.24
N ARG B 52 28.53 -13.08 -11.15
CA ARG B 52 27.69 -12.23 -11.98
C ARG B 52 26.54 -11.73 -11.12
N ASP B 53 26.13 -12.56 -10.17
CA ASP B 53 25.05 -12.23 -9.26
C ASP B 53 25.32 -10.91 -8.55
N ARG B 54 26.57 -10.71 -8.16
CA ARG B 54 26.95 -9.47 -7.47
C ARG B 54 26.90 -8.34 -8.49
N HIS B 55 27.28 -8.64 -9.73
CA HIS B 55 27.25 -7.63 -10.77
C HIS B 55 25.81 -7.36 -11.22
N LEU B 56 24.95 -8.35 -11.01
CA LEU B 56 23.54 -8.25 -11.37
C LEU B 56 22.87 -7.22 -10.46
N ILE B 57 23.22 -7.28 -9.18
CA ILE B 57 22.66 -6.37 -8.20
C ILE B 57 22.98 -4.91 -8.53
N GLU B 58 24.19 -4.65 -9.00
CA GLU B 58 24.56 -3.29 -9.37
C GLU B 58 23.77 -2.90 -10.60
N TYR B 59 23.58 -3.85 -11.51
CA TYR B 59 22.84 -3.57 -12.73
C TYR B 59 21.43 -3.11 -12.37
N LEU B 60 20.79 -3.84 -11.45
CA LEU B 60 19.44 -3.51 -11.01
C LEU B 60 19.40 -2.16 -10.30
N MET B 61 20.32 -1.97 -9.36
CA MET B 61 20.37 -0.73 -8.60
C MET B 61 20.55 0.48 -9.52
N LYS B 62 21.52 0.42 -10.44
CA LYS B 62 21.79 1.54 -11.34
C LYS B 62 20.71 1.86 -12.37
N HIS B 63 20.03 0.83 -12.87
CA HIS B 63 18.98 1.07 -13.86
C HIS B 63 17.58 1.25 -13.29
N GLY B 64 17.48 1.37 -11.98
CA GLY B 64 16.19 1.57 -11.34
C GLY B 64 15.27 0.37 -11.14
N HIS B 65 15.80 -0.84 -11.21
CA HIS B 65 14.96 -2.02 -11.00
C HIS B 65 14.94 -2.36 -9.51
N GLU B 66 14.05 -1.69 -8.79
CA GLU B 66 13.92 -1.85 -7.36
C GLU B 66 13.06 -3.02 -6.86
N THR B 67 12.11 -3.49 -7.65
CA THR B 67 11.26 -4.58 -7.18
C THR B 67 11.92 -5.84 -6.62
N PRO B 68 13.05 -6.30 -7.22
CA PRO B 68 13.71 -7.51 -6.72
C PRO B 68 14.15 -7.45 -5.26
N PHE B 69 14.35 -6.24 -4.76
CA PHE B 69 14.80 -6.09 -3.37
C PHE B 69 13.64 -6.19 -2.38
N GLU B 70 12.42 -6.18 -2.88
CA GLU B 70 11.25 -6.29 -2.01
C GLU B 70 11.19 -7.67 -1.38
N HIS B 71 11.96 -8.62 -1.92
CA HIS B 71 11.97 -9.99 -1.40
C HIS B 71 12.89 -10.20 -0.19
N ILE B 72 13.52 -9.13 0.28
CA ILE B 72 14.37 -9.19 1.45
C ILE B 72 13.54 -8.49 2.52
N VAL B 73 13.40 -9.10 3.69
CA VAL B 73 12.57 -8.51 4.74
C VAL B 73 13.25 -8.46 6.11
N PHE B 74 12.92 -7.43 6.90
CA PHE B 74 13.51 -7.25 8.23
C PHE B 74 12.45 -6.97 9.28
N THR B 75 12.77 -7.33 10.52
CA THR B 75 11.89 -7.05 11.65
C THR B 75 12.80 -6.46 12.71
N PHE B 76 12.66 -5.16 12.97
CA PHE B 76 13.48 -4.50 13.99
C PHE B 76 12.68 -4.22 15.26
N HIS B 77 13.38 -4.17 16.39
CA HIS B 77 12.79 -3.86 17.69
C HIS B 77 13.37 -2.48 17.99
N VAL B 78 12.51 -1.47 18.06
CA VAL B 78 12.97 -0.11 18.26
C VAL B 78 12.45 0.64 19.47
N LYS B 79 13.36 1.26 20.21
CA LYS B 79 13.01 2.05 21.38
C LYS B 79 13.41 3.47 21.00
N ALA B 80 12.44 4.38 21.00
CA ALA B 80 12.72 5.74 20.61
C ALA B 80 11.71 6.72 21.16
N PRO B 81 12.06 8.01 21.13
CA PRO B 81 11.16 9.05 21.62
C PRO B 81 9.94 9.11 20.71
N ILE B 82 8.79 9.45 21.26
CA ILE B 82 7.57 9.53 20.46
C ILE B 82 7.69 10.51 19.30
N PHE B 83 8.34 11.65 19.49
CA PHE B 83 8.46 12.60 18.38
C PHE B 83 9.26 11.99 17.24
N VAL B 84 10.03 10.95 17.53
CA VAL B 84 10.81 10.28 16.48
C VAL B 84 9.92 9.21 15.84
N ALA B 85 9.19 8.49 16.69
CA ALA B 85 8.29 7.43 16.22
C ALA B 85 7.25 7.97 15.25
N ARG B 86 6.69 9.15 15.55
CA ARG B 86 5.69 9.75 14.69
C ARG B 86 6.21 10.03 13.29
N GLN B 87 7.47 10.43 13.16
CA GLN B 87 8.03 10.71 11.84
C GLN B 87 8.28 9.37 11.15
N TRP B 88 8.78 8.41 11.91
CA TRP B 88 9.09 7.07 11.43
C TRP B 88 7.85 6.36 10.86
N PHE B 89 6.76 6.40 11.63
CA PHE B 89 5.50 5.76 11.26
C PHE B 89 4.83 6.34 10.01
N ARG B 90 5.34 7.47 9.52
CA ARG B 90 4.79 8.06 8.31
C ARG B 90 5.11 7.18 7.10
N HIS B 91 6.07 6.26 7.26
CA HIS B 91 6.42 5.34 6.17
C HIS B 91 5.38 4.22 6.17
N ARG B 92 4.40 4.34 5.27
CA ARG B 92 3.28 3.42 5.15
C ARG B 92 3.54 2.01 4.59
N ILE B 93 4.55 1.84 3.76
CA ILE B 93 4.84 0.52 3.20
C ILE B 93 5.66 -0.27 4.23
N ALA B 94 5.01 -0.62 5.33
CA ALA B 94 5.65 -1.37 6.41
C ALA B 94 4.60 -1.81 7.43
N SER B 95 5.01 -2.61 8.41
CA SER B 95 4.10 -3.09 9.45
C SER B 95 4.58 -2.66 10.85
N TYR B 96 3.64 -2.24 11.69
CA TYR B 96 4.02 -1.78 13.02
C TYR B 96 3.15 -2.29 14.15
N ASN B 97 3.78 -2.47 15.30
CA ASN B 97 3.09 -2.87 16.52
C ASN B 97 3.83 -2.16 17.64
N GLU B 98 3.13 -1.25 18.31
CA GLU B 98 3.74 -0.44 19.36
C GLU B 98 3.14 -0.55 20.76
N LEU B 99 3.96 -0.18 21.74
CA LEU B 99 3.60 -0.17 23.16
C LEU B 99 2.41 0.79 23.32
N SER B 100 1.35 0.31 23.96
CA SER B 100 0.14 1.11 24.14
C SER B 100 0.07 1.96 25.41
N GLY B 101 -0.19 3.24 25.22
CA GLY B 101 -0.30 4.15 26.35
C GLY B 101 -1.62 4.01 27.07
N ARG B 102 -2.57 3.28 26.48
CA ARG B 102 -3.83 3.09 27.17
C ARG B 102 -3.95 1.71 27.80
N TYR B 103 -3.02 0.82 27.47
CA TYR B 103 -3.05 -0.53 28.00
C TYR B 103 -1.90 -0.85 28.95
N SER B 104 -1.00 0.11 29.17
CA SER B 104 0.13 -0.14 30.05
C SER B 104 0.52 1.08 30.86
N LYS B 105 1.09 0.82 32.03
CA LYS B 105 1.57 1.89 32.90
C LYS B 105 2.92 2.31 32.34
N LEU B 106 2.96 3.47 31.71
CA LEU B 106 4.20 3.93 31.11
C LEU B 106 5.35 4.11 32.11
N SER B 107 6.56 3.73 31.68
CA SER B 107 7.75 3.82 32.51
C SER B 107 8.41 5.19 32.47
N TYR B 108 9.10 5.56 33.55
CA TYR B 108 9.78 6.84 33.65
C TYR B 108 11.03 6.88 32.75
N GLU B 109 10.83 7.10 31.47
CA GLU B 109 11.96 7.13 30.55
C GLU B 109 11.78 8.15 29.43
N PHE B 110 12.54 9.23 29.49
CA PHE B 110 12.44 10.30 28.51
C PHE B 110 13.80 10.63 27.90
N TYR B 111 13.76 11.18 26.69
CA TYR B 111 14.97 11.58 25.99
C TYR B 111 15.41 12.94 26.51
N ILE B 112 16.60 12.98 27.08
CA ILE B 112 17.12 14.24 27.60
C ILE B 112 18.35 14.59 26.77
N PRO B 113 18.20 15.57 25.86
CA PRO B 113 19.32 15.98 25.01
C PRO B 113 20.58 16.29 25.82
N SER B 114 21.74 15.97 25.26
CA SER B 114 22.99 16.25 25.94
C SER B 114 23.34 17.69 25.61
N PRO B 115 24.25 18.31 26.38
CA PRO B 115 24.63 19.70 26.11
C PRO B 115 25.11 19.88 24.66
N GLU B 116 25.81 18.85 24.16
CA GLU B 116 26.31 18.88 22.79
C GLU B 116 25.23 19.02 21.71
N ARG B 117 23.99 18.67 22.04
CA ARG B 117 22.89 18.77 21.08
C ARG B 117 22.75 20.18 20.52
N LEU B 118 22.94 21.18 21.37
CA LEU B 118 22.83 22.58 20.95
C LEU B 118 24.07 23.06 20.22
N GLU B 119 25.22 22.50 20.60
CA GLU B 119 26.50 22.86 19.99
C GLU B 119 26.30 23.30 18.54
N GLY B 120 26.60 24.57 18.28
CA GLY B 120 26.43 25.12 16.94
C GLY B 120 25.26 26.08 16.89
N TYR B 121 24.74 26.44 18.05
CA TYR B 121 23.61 27.35 18.16
C TYR B 121 23.80 28.39 19.26
N LYS B 122 23.52 29.65 18.92
CA LYS B 122 23.65 30.74 19.90
C LYS B 122 22.42 30.72 20.80
N THR B 123 22.60 30.36 22.06
CA THR B 123 21.49 30.30 23.00
C THR B 123 21.63 31.30 24.15
N THR B 124 20.57 32.08 24.38
CA THR B 124 20.54 33.08 25.45
C THR B 124 21.02 32.50 26.77
N ILE B 125 20.78 31.20 26.96
CA ILE B 125 21.19 30.54 28.20
C ILE B 125 22.05 29.32 27.90
N PRO B 126 22.91 28.95 28.85
CA PRO B 126 23.83 27.81 28.73
C PRO B 126 23.12 26.49 28.40
N PRO B 127 23.80 25.61 27.64
CA PRO B 127 23.25 24.32 27.24
C PRO B 127 22.85 23.50 28.46
N GLU B 128 23.63 23.62 29.53
CA GLU B 128 23.34 22.90 30.76
C GLU B 128 21.99 23.36 31.31
N ARG B 129 21.65 24.62 31.04
CA ARG B 129 20.38 25.17 31.50
C ARG B 129 19.24 24.57 30.70
N VAL B 130 19.35 24.63 29.37
CA VAL B 130 18.32 24.07 28.49
C VAL B 130 18.06 22.65 28.94
N THR B 131 19.14 21.90 29.10
CA THR B 131 19.06 20.50 29.53
C THR B 131 18.33 20.37 30.86
N GLU B 132 18.53 21.33 31.76
CA GLU B 132 17.90 21.33 33.07
C GLU B 132 16.40 21.59 32.98
N LYS B 133 16.01 22.56 32.16
CA LYS B 133 14.59 22.90 31.99
C LYS B 133 13.75 21.74 31.41
N ILE B 134 14.35 20.95 30.55
CA ILE B 134 13.65 19.81 29.94
C ILE B 134 13.36 18.78 31.04
N SER B 135 14.38 18.45 31.83
CA SER B 135 14.23 17.51 32.92
C SER B 135 13.13 17.96 33.88
N GLU B 136 13.10 19.25 34.21
CA GLU B 136 12.08 19.76 35.13
C GLU B 136 10.68 19.44 34.61
N ILE B 137 10.40 19.81 33.36
CA ILE B 137 9.09 19.52 32.78
C ILE B 137 8.78 18.01 32.84
N VAL B 138 9.73 17.22 32.36
CA VAL B 138 9.57 15.76 32.37
C VAL B 138 9.15 15.25 33.73
N ASP B 139 9.88 15.68 34.76
CA ASP B 139 9.59 15.27 36.14
C ASP B 139 8.23 15.73 36.63
N LYS B 140 7.87 16.98 36.36
CA LYS B 140 6.56 17.46 36.79
C LYS B 140 5.47 16.66 36.07
N ALA B 141 5.62 16.52 34.76
CA ALA B 141 4.64 15.80 33.96
C ALA B 141 4.44 14.37 34.45
N TYR B 142 5.53 13.63 34.57
CA TYR B 142 5.44 12.26 35.04
C TYR B 142 4.82 12.22 36.43
N ARG B 143 5.22 13.19 37.25
CA ARG B 143 4.72 13.29 38.62
C ARG B 143 3.20 13.31 38.56
N THR B 144 2.66 14.25 37.79
CA THR B 144 1.22 14.40 37.64
C THR B 144 0.58 13.17 37.03
N TYR B 145 1.33 12.51 36.15
CA TYR B 145 0.84 11.30 35.49
C TYR B 145 0.54 10.23 36.54
N LEU B 146 1.51 9.97 37.41
CA LEU B 146 1.33 8.95 38.45
C LEU B 146 0.23 9.36 39.43
N GLU B 147 0.12 10.65 39.72
CA GLU B 147 -0.92 11.11 40.63
C GLU B 147 -2.28 10.82 40.03
N LEU B 148 -2.44 11.16 38.75
CA LEU B 148 -3.71 10.93 38.08
C LEU B 148 -4.05 9.44 38.13
N ILE B 149 -3.10 8.61 37.75
CA ILE B 149 -3.31 7.18 37.77
C ILE B 149 -3.71 6.74 39.18
N GLU B 150 -2.88 7.11 40.15
CA GLU B 150 -3.15 6.78 41.54
C GLU B 150 -4.56 7.18 41.96
N SER B 151 -5.06 8.27 41.39
CA SER B 151 -6.39 8.76 41.72
C SER B 151 -7.52 7.99 41.05
N GLY B 152 -7.18 7.04 40.19
CA GLY B 152 -8.21 6.28 39.52
C GLY B 152 -8.50 6.75 38.10
N VAL B 153 -7.75 7.75 37.64
CA VAL B 153 -7.93 8.25 36.29
C VAL B 153 -7.38 7.20 35.31
N PRO B 154 -8.21 6.76 34.34
CA PRO B 154 -7.85 5.76 33.32
C PRO B 154 -6.53 6.10 32.62
N ARG B 155 -5.70 5.10 32.41
CA ARG B 155 -4.42 5.30 31.74
C ARG B 155 -4.48 6.05 30.42
N GLU B 156 -5.51 5.80 29.62
CA GLU B 156 -5.64 6.46 28.32
C GLU B 156 -5.82 7.98 28.38
N VAL B 157 -6.25 8.47 29.54
CA VAL B 157 -6.45 9.90 29.73
C VAL B 157 -5.25 10.51 30.44
N ALA B 158 -4.77 9.81 31.48
CA ALA B 158 -3.64 10.27 32.26
C ALA B 158 -2.37 10.54 31.45
N ARG B 159 -2.13 9.74 30.42
CA ARG B 159 -0.90 9.90 29.65
C ARG B 159 -0.83 11.12 28.74
N ILE B 160 -1.92 11.87 28.61
CA ILE B 160 -1.90 13.02 27.72
C ILE B 160 -1.02 14.15 28.24
N VAL B 161 -0.68 14.10 29.52
CA VAL B 161 0.16 15.13 30.09
C VAL B 161 1.65 14.80 29.90
N LEU B 162 1.93 13.63 29.36
CA LEU B 162 3.32 13.24 29.15
C LEU B 162 3.84 13.90 27.88
N PRO B 163 5.10 14.36 27.90
CA PRO B 163 5.74 15.02 26.75
C PRO B 163 6.14 14.08 25.62
N LEU B 164 6.38 14.68 24.45
CA LEU B 164 6.75 13.95 23.24
C LEU B 164 8.16 13.32 23.29
N ASN B 165 8.89 13.56 24.37
CA ASN B 165 10.24 12.99 24.49
C ASN B 165 10.20 11.67 25.28
N LEU B 166 8.99 11.18 25.52
CA LEU B 166 8.79 9.92 26.22
C LEU B 166 9.23 8.81 25.28
N TYR B 167 9.89 7.80 25.82
CA TYR B 167 10.34 6.69 24.98
C TYR B 167 9.21 5.69 24.80
N THR B 168 9.11 5.16 23.59
CA THR B 168 8.09 4.16 23.28
C THR B 168 8.82 3.04 22.56
N ARG B 169 8.19 1.87 22.46
CA ARG B 169 8.80 0.72 21.81
C ARG B 169 7.88 0.12 20.75
N PHE B 170 8.47 -0.34 19.66
CA PHE B 170 7.70 -0.93 18.59
C PHE B 170 8.50 -1.91 17.75
N PHE B 171 7.77 -2.72 17.00
CA PHE B 171 8.34 -3.70 16.08
C PHE B 171 8.13 -3.15 14.67
N TRP B 172 9.14 -3.29 13.82
CA TRP B 172 9.05 -2.78 12.46
C TRP B 172 9.48 -3.85 11.47
N THR B 173 8.54 -4.24 10.61
CA THR B 173 8.81 -5.24 9.59
C THR B 173 8.70 -4.48 8.27
N VAL B 174 9.78 -4.50 7.51
CA VAL B 174 9.85 -3.75 6.27
C VAL B 174 10.81 -4.44 5.31
N ASN B 175 10.54 -4.33 4.01
CA ASN B 175 11.43 -4.95 3.03
C ASN B 175 12.56 -4.01 2.63
N ALA B 176 13.57 -4.56 1.95
CA ALA B 176 14.75 -3.82 1.52
C ALA B 176 14.50 -2.58 0.68
N ARG B 177 13.59 -2.66 -0.28
CA ARG B 177 13.30 -1.49 -1.12
C ARG B 177 12.70 -0.38 -0.29
N SER B 178 11.74 -0.74 0.55
CA SER B 178 11.09 0.24 1.40
C SER B 178 12.11 0.78 2.42
N LEU B 179 13.03 -0.08 2.83
CA LEU B 179 14.06 0.30 3.78
C LEU B 179 14.99 1.33 3.13
N MET B 180 15.33 1.11 1.86
CA MET B 180 16.20 2.06 1.16
C MET B 180 15.48 3.39 0.99
N ASN B 181 14.15 3.34 0.90
CA ASN B 181 13.35 4.54 0.77
C ASN B 181 13.40 5.32 2.08
N PHE B 182 13.40 4.58 3.18
CA PHE B 182 13.47 5.15 4.52
C PHE B 182 14.82 5.85 4.71
N LEU B 183 15.89 5.22 4.24
CA LEU B 183 17.24 5.78 4.35
C LEU B 183 17.46 7.03 3.49
N ASN B 184 16.92 7.05 2.28
CA ASN B 184 17.05 8.20 1.41
C ASN B 184 16.53 9.44 2.11
N LEU B 185 15.45 9.23 2.86
CA LEU B 185 14.77 10.30 3.57
C LEU B 185 15.25 10.63 4.97
N ARG B 186 15.57 9.61 5.77
CA ARG B 186 16.00 9.83 7.14
C ARG B 186 17.51 9.89 7.29
N ALA B 187 18.23 9.12 6.48
CA ALA B 187 19.69 9.14 6.55
C ALA B 187 20.12 10.35 5.74
N ASP B 188 19.54 11.51 6.09
CA ASP B 188 19.81 12.76 5.38
C ASP B 188 19.90 13.90 6.38
N SER B 189 20.85 14.81 6.18
CA SER B 189 21.02 15.93 7.10
C SER B 189 19.78 16.83 7.21
N HIS B 190 18.85 16.73 6.26
CA HIS B 190 17.65 17.55 6.31
C HIS B 190 16.61 17.00 7.27
N ALA B 191 16.84 15.78 7.73
CA ALA B 191 15.95 15.13 8.69
C ALA B 191 16.40 15.54 10.08
N GLN B 192 15.52 15.44 11.07
CA GLN B 192 15.90 15.82 12.42
C GLN B 192 17.05 14.94 12.90
N TRP B 193 18.02 15.57 13.59
CA TRP B 193 19.19 14.85 14.08
C TRP B 193 18.87 13.57 14.84
N GLU B 194 17.80 13.59 15.64
CA GLU B 194 17.41 12.41 16.41
C GLU B 194 17.08 11.18 15.57
N ILE B 195 16.35 11.37 14.46
CA ILE B 195 16.00 10.22 13.62
C ILE B 195 17.18 9.83 12.72
N GLN B 196 18.04 10.80 12.40
CA GLN B 196 19.24 10.52 11.61
C GLN B 196 20.03 9.40 12.28
N GLN B 197 20.16 9.52 13.60
CA GLN B 197 20.90 8.55 14.42
C GLN B 197 20.30 7.16 14.31
N TYR B 198 18.96 7.09 14.31
CA TYR B 198 18.30 5.81 14.18
C TYR B 198 18.53 5.26 12.78
N ALA B 199 18.54 6.15 11.79
CA ALA B 199 18.74 5.74 10.41
C ALA B 199 20.14 5.15 10.24
N LEU B 200 21.11 5.70 10.96
CA LEU B 200 22.48 5.18 10.89
C LEU B 200 22.55 3.74 11.40
N ALA B 201 21.85 3.48 12.50
CA ALA B 201 21.83 2.14 13.08
C ALA B 201 21.16 1.18 12.10
N ILE B 202 20.07 1.61 11.49
CA ILE B 202 19.35 0.80 10.50
C ILE B 202 20.27 0.55 9.30
N ALA B 203 21.00 1.58 8.90
CA ALA B 203 21.91 1.44 7.77
C ALA B 203 22.98 0.38 8.06
N ARG B 204 23.53 0.43 9.26
CA ARG B 204 24.58 -0.52 9.64
C ARG B 204 24.08 -1.97 9.63
N ILE B 205 22.90 -2.21 10.21
CA ILE B 205 22.35 -3.55 10.24
C ILE B 205 22.05 -4.04 8.83
N PHE B 206 21.57 -3.14 7.98
CA PHE B 206 21.26 -3.48 6.60
C PHE B 206 22.55 -3.84 5.86
N LYS B 207 23.62 -3.09 6.15
CA LYS B 207 24.91 -3.33 5.52
C LYS B 207 25.45 -4.69 5.92
N GLU B 208 25.21 -5.05 7.18
CA GLU B 208 25.66 -6.31 7.75
C GLU B 208 24.92 -7.54 7.18
N LYS B 209 23.70 -7.36 6.72
CA LYS B 209 22.93 -8.49 6.18
C LYS B 209 22.87 -8.55 4.65
N CYS B 210 23.01 -7.41 3.99
CA CYS B 210 22.97 -7.35 2.52
C CYS B 210 24.04 -6.40 2.02
N PRO B 211 25.32 -6.78 2.20
CA PRO B 211 26.46 -5.97 1.76
C PRO B 211 26.46 -5.54 0.29
N TRP B 212 26.13 -6.44 -0.62
CA TRP B 212 26.12 -6.09 -2.03
C TRP B 212 25.03 -5.07 -2.32
N THR B 213 23.81 -5.38 -1.87
CA THR B 213 22.69 -4.49 -2.11
C THR B 213 22.97 -3.12 -1.54
N PHE B 214 23.46 -3.08 -0.31
CA PHE B 214 23.77 -1.81 0.35
C PHE B 214 24.87 -1.05 -0.39
N GLU B 215 25.95 -1.75 -0.72
CA GLU B 215 27.07 -1.13 -1.43
C GLU B 215 26.56 -0.54 -2.73
N ALA B 216 25.74 -1.31 -3.43
CA ALA B 216 25.19 -0.85 -4.69
C ALA B 216 24.28 0.33 -4.41
N PHE B 217 23.54 0.25 -3.30
CA PHE B 217 22.64 1.34 -2.94
C PHE B 217 23.34 2.69 -2.84
N LEU B 218 24.39 2.79 -2.02
CA LEU B 218 25.10 4.06 -1.85
C LEU B 218 25.71 4.56 -3.15
N LYS B 219 26.10 3.63 -4.01
CA LYS B 219 26.73 3.99 -5.27
C LYS B 219 25.77 4.44 -6.38
N TYR B 220 24.60 3.83 -6.51
CA TYR B 220 23.69 4.21 -7.59
C TYR B 220 22.32 4.79 -7.27
N ALA B 221 21.79 4.58 -6.06
CA ALA B 221 20.46 5.08 -5.78
C ALA B 221 20.24 5.91 -4.51
N TYR B 222 21.18 5.86 -3.58
CA TYR B 222 21.07 6.63 -2.34
C TYR B 222 21.04 8.13 -2.60
N LYS B 223 19.99 8.80 -2.13
CA LYS B 223 19.81 10.23 -2.35
C LYS B 223 20.14 11.13 -1.16
N GLY B 224 20.59 10.55 -0.06
CA GLY B 224 20.92 11.36 1.10
C GLY B 224 22.39 11.74 1.07
N ASP B 225 22.90 12.26 2.19
CA ASP B 225 24.30 12.64 2.24
C ASP B 225 25.11 11.91 3.31
N ILE B 226 24.68 11.99 4.56
CA ILE B 226 25.41 11.39 5.68
C ILE B 226 25.99 9.98 5.50
N LEU B 227 25.39 9.15 4.67
CA LEU B 227 25.92 7.80 4.51
C LEU B 227 27.15 7.68 3.62
N LYS B 228 27.49 8.75 2.92
CA LYS B 228 28.65 8.73 2.06
C LYS B 228 29.85 9.34 2.77
N GLU B 229 29.60 9.87 3.96
CA GLU B 229 30.67 10.45 4.78
C GLU B 229 30.87 9.64 6.06
N VAL B 230 29.78 9.07 6.57
CA VAL B 230 29.83 8.26 7.79
C VAL B 230 29.92 6.78 7.41
N GLN B 231 30.70 6.02 8.16
CA GLN B 231 30.86 4.60 7.86
C GLN B 231 29.75 3.74 8.45
N VAL B 232 29.36 2.73 7.68
CA VAL B 232 28.31 1.77 8.01
C VAL B 232 26.99 2.39 8.45
N MET C 13 -19.12 22.00 5.04
CA MET C 13 -19.30 21.05 6.18
C MET C 13 -18.12 21.03 7.13
N LYS C 14 -18.35 21.51 8.35
CA LYS C 14 -17.32 21.54 9.36
C LYS C 14 -17.98 21.15 10.68
N ILE C 15 -17.42 20.17 11.37
CA ILE C 15 -17.98 19.69 12.62
C ILE C 15 -16.98 19.85 13.76
N ASP C 16 -17.45 20.39 14.89
CA ASP C 16 -16.59 20.59 16.06
C ASP C 16 -16.47 19.30 16.86
N ILE C 17 -15.24 18.99 17.28
CA ILE C 17 -14.95 17.79 18.04
C ILE C 17 -14.14 18.16 19.28
N LEU C 18 -14.46 17.54 20.41
CA LEU C 18 -13.77 17.81 21.66
C LEU C 18 -13.88 19.30 22.00
N ASP C 19 -12.86 19.85 22.65
CA ASP C 19 -12.89 21.26 23.02
C ASP C 19 -12.36 22.24 21.98
N LYS C 20 -11.43 21.81 21.11
CA LYS C 20 -10.87 22.71 20.10
C LYS C 20 -10.62 22.06 18.75
N GLY C 21 -11.05 20.82 18.59
CA GLY C 21 -10.82 20.15 17.32
C GLY C 21 -11.98 20.26 16.36
N PHE C 22 -11.81 19.70 15.17
CA PHE C 22 -12.84 19.72 14.16
C PHE C 22 -12.54 18.78 13.01
N VAL C 23 -13.57 18.53 12.20
CA VAL C 23 -13.45 17.68 11.01
C VAL C 23 -14.13 18.48 9.90
N GLU C 24 -13.36 18.79 8.87
CA GLU C 24 -13.89 19.58 7.78
C GLU C 24 -13.68 18.90 6.43
N LEU C 25 -14.72 18.95 5.58
CA LEU C 25 -14.67 18.35 4.26
C LEU C 25 -14.02 19.34 3.29
N VAL C 26 -12.90 18.95 2.71
CA VAL C 26 -12.16 19.80 1.79
C VAL C 26 -12.64 19.57 0.36
N ASP C 27 -12.62 18.31 -0.05
CA ASP C 27 -13.04 17.96 -1.40
C ASP C 27 -13.57 16.53 -1.42
N VAL C 28 -14.29 16.21 -2.50
CA VAL C 28 -14.84 14.88 -2.66
C VAL C 28 -14.97 14.58 -4.14
N MET C 29 -14.61 13.36 -4.54
CA MET C 29 -14.72 12.95 -5.93
C MET C 29 -15.75 11.83 -6.06
N GLY C 30 -16.74 12.04 -6.90
CA GLY C 30 -17.77 11.04 -7.14
C GLY C 30 -18.79 10.89 -6.03
N ASN C 31 -19.66 9.89 -6.17
CA ASN C 31 -20.69 9.59 -5.19
C ASN C 31 -21.01 8.10 -5.29
N ASP C 32 -22.16 7.69 -4.78
CA ASP C 32 -22.56 6.29 -4.83
C ASP C 32 -22.47 5.74 -6.23
N LEU C 33 -22.85 6.55 -7.21
CA LEU C 33 -22.83 6.10 -8.60
C LEU C 33 -21.45 5.84 -9.16
N SER C 34 -20.43 6.35 -8.49
CA SER C 34 -19.05 6.13 -8.93
C SER C 34 -18.69 4.66 -8.72
N ALA C 35 -19.23 4.06 -7.66
CA ALA C 35 -18.95 2.65 -7.38
C ALA C 35 -19.75 1.80 -8.38
N VAL C 36 -20.98 2.21 -8.65
CA VAL C 36 -21.83 1.52 -9.60
C VAL C 36 -21.18 1.45 -10.98
N ARG C 37 -20.74 2.59 -11.49
CA ARG C 37 -20.12 2.64 -12.81
C ARG C 37 -18.81 1.84 -12.81
N ALA C 38 -18.08 1.91 -11.71
CA ALA C 38 -16.81 1.19 -11.59
C ALA C 38 -17.03 -0.31 -11.65
N ALA C 39 -18.08 -0.78 -10.96
CA ALA C 39 -18.40 -2.20 -10.95
C ALA C 39 -18.85 -2.70 -12.32
N ARG C 40 -19.54 -1.86 -13.08
CA ARG C 40 -20.01 -2.25 -14.42
C ARG C 40 -18.96 -2.00 -15.49
N VAL C 41 -18.00 -1.13 -15.17
CA VAL C 41 -16.95 -0.74 -16.10
C VAL C 41 -17.61 -0.09 -17.32
N SER C 42 -18.51 0.86 -17.04
CA SER C 42 -19.23 1.59 -18.07
C SER C 42 -19.33 3.06 -17.66
N PHE C 43 -18.95 3.95 -18.58
CA PHE C 43 -18.98 5.38 -18.34
C PHE C 43 -20.15 6.00 -19.12
N ASP C 44 -21.24 6.29 -18.43
CA ASP C 44 -22.43 6.89 -19.05
C ASP C 44 -22.70 8.28 -18.48
N LYS C 48 -28.58 6.34 -15.00
CA LYS C 48 -29.06 6.31 -13.63
C LYS C 48 -30.43 5.60 -13.49
N ASP C 49 -30.48 4.63 -12.57
CA ASP C 49 -31.69 3.86 -12.28
C ASP C 49 -31.60 3.53 -10.79
N GLU C 50 -32.09 4.45 -9.96
CA GLU C 50 -32.07 4.31 -8.51
C GLU C 50 -32.21 2.87 -8.01
N GLU C 51 -33.42 2.33 -8.15
CA GLU C 51 -33.72 0.97 -7.72
C GLU C 51 -32.57 0.00 -7.98
N ARG C 52 -32.21 -0.15 -9.25
CA ARG C 52 -31.13 -1.07 -9.64
C ARG C 52 -29.72 -0.66 -9.20
N ASP C 53 -29.45 0.64 -9.15
CA ASP C 53 -28.14 1.10 -8.72
C ASP C 53 -27.96 0.80 -7.23
N ARG C 54 -28.95 1.19 -6.45
CA ARG C 54 -28.91 0.96 -5.01
C ARG C 54 -28.83 -0.55 -4.73
N HIS C 55 -29.58 -1.33 -5.51
CA HIS C 55 -29.60 -2.78 -5.36
C HIS C 55 -28.20 -3.36 -5.57
N LEU C 56 -27.50 -2.80 -6.56
CA LEU C 56 -26.14 -3.25 -6.87
C LEU C 56 -25.21 -2.91 -5.70
N ILE C 57 -25.35 -1.69 -5.18
CA ILE C 57 -24.53 -1.25 -4.05
C ILE C 57 -24.68 -2.24 -2.89
N GLU C 58 -25.92 -2.58 -2.55
CA GLU C 58 -26.16 -3.53 -1.46
C GLU C 58 -25.54 -4.89 -1.78
N TYR C 59 -25.69 -5.32 -3.03
CA TYR C 59 -25.14 -6.60 -3.47
C TYR C 59 -23.62 -6.63 -3.23
N LEU C 60 -22.92 -5.65 -3.81
CA LEU C 60 -21.48 -5.55 -3.66
C LEU C 60 -21.06 -5.58 -2.19
N MET C 61 -21.78 -4.82 -1.37
CA MET C 61 -21.46 -4.75 0.06
C MET C 61 -21.72 -6.08 0.77
N LYS C 62 -22.79 -6.76 0.38
CA LYS C 62 -23.18 -8.04 0.97
C LYS C 62 -22.25 -9.22 0.62
N HIS C 63 -21.69 -9.23 -0.59
CA HIS C 63 -20.81 -10.32 -0.99
C HIS C 63 -19.31 -10.01 -0.86
N GLY C 64 -18.99 -8.89 -0.22
CA GLY C 64 -17.60 -8.53 -0.02
C GLY C 64 -16.80 -8.04 -1.22
N HIS C 65 -17.47 -7.39 -2.17
CA HIS C 65 -16.81 -6.85 -3.35
C HIS C 65 -16.64 -5.37 -3.04
N GLU C 66 -15.55 -5.05 -2.34
CA GLU C 66 -15.26 -3.69 -1.92
C GLU C 66 -14.44 -2.82 -2.86
N THR C 67 -13.86 -3.41 -3.90
CA THR C 67 -13.04 -2.64 -4.82
C THR C 67 -13.75 -1.48 -5.54
N PRO C 68 -15.05 -1.62 -5.86
CA PRO C 68 -15.73 -0.52 -6.55
C PRO C 68 -15.81 0.76 -5.74
N PHE C 69 -15.80 0.59 -4.42
CA PHE C 69 -15.90 1.72 -3.52
C PHE C 69 -14.61 2.51 -3.37
N GLU C 70 -13.54 2.00 -3.97
CA GLU C 70 -12.26 2.69 -3.91
C GLU C 70 -12.22 3.85 -4.90
N HIS C 71 -13.27 3.98 -5.70
CA HIS C 71 -13.33 5.03 -6.71
C HIS C 71 -14.06 6.29 -6.21
N ILE C 72 -14.39 6.30 -4.93
CA ILE C 72 -15.02 7.43 -4.29
C ILE C 72 -13.91 7.89 -3.37
N VAL C 73 -13.57 9.17 -3.42
CA VAL C 73 -12.47 9.68 -2.63
C VAL C 73 -12.79 10.98 -1.91
N PHE C 74 -12.32 11.08 -0.67
CA PHE C 74 -12.53 12.25 0.15
C PHE C 74 -11.20 12.89 0.56
N THR C 75 -11.24 14.18 0.84
CA THR C 75 -10.08 14.86 1.35
C THR C 75 -10.65 15.61 2.55
N PHE C 76 -10.12 15.33 3.73
CA PHE C 76 -10.57 15.99 4.94
C PHE C 76 -9.46 16.84 5.53
N HIS C 77 -9.86 17.85 6.29
CA HIS C 77 -8.94 18.72 7.00
C HIS C 77 -9.31 18.46 8.45
N VAL C 78 -8.35 17.99 9.22
CA VAL C 78 -8.61 17.64 10.61
C VAL C 78 -7.73 18.34 11.64
N LYS C 79 -8.34 18.70 12.78
CA LYS C 79 -7.62 19.34 13.87
C LYS C 79 -7.83 18.44 15.09
N ALA C 80 -6.78 17.84 15.60
CA ALA C 80 -6.95 16.95 16.75
C ALA C 80 -5.70 16.77 17.60
N PRO C 81 -5.88 16.21 18.80
CA PRO C 81 -4.76 15.98 19.73
C PRO C 81 -3.76 15.00 19.10
N ILE C 82 -2.48 15.21 19.39
CA ILE C 82 -1.46 14.32 18.85
C ILE C 82 -1.72 12.86 19.25
N PHE C 83 -2.17 12.60 20.47
CA PHE C 83 -2.41 11.22 20.87
C PHE C 83 -3.54 10.59 20.05
N VAL C 84 -4.33 11.43 19.38
CA VAL C 84 -5.42 10.96 18.52
C VAL C 84 -4.85 10.75 17.12
N ALA C 85 -4.04 11.71 16.68
CA ALA C 85 -3.41 11.61 15.36
C ALA C 85 -2.56 10.34 15.25
N ARG C 86 -1.77 10.05 16.29
CA ARG C 86 -0.93 8.85 16.28
C ARG C 86 -1.76 7.60 16.03
N GLN C 87 -2.95 7.51 16.61
CA GLN C 87 -3.81 6.36 16.40
C GLN C 87 -4.40 6.43 15.00
N TRP C 88 -4.74 7.63 14.57
CA TRP C 88 -5.32 7.86 13.25
C TRP C 88 -4.36 7.51 12.10
N PHE C 89 -3.14 8.02 12.20
CA PHE C 89 -2.10 7.81 11.19
C PHE C 89 -1.72 6.35 10.99
N ARG C 90 -2.27 5.46 11.81
CA ARG C 90 -1.96 4.06 11.68
C ARG C 90 -2.63 3.43 10.48
N HIS C 91 -3.63 4.13 9.95
CA HIS C 91 -4.36 3.67 8.78
C HIS C 91 -3.50 4.08 7.57
N ARG C 92 -2.79 3.10 7.03
CA ARG C 92 -1.84 3.29 5.94
C ARG C 92 -2.41 3.51 4.54
N ILE C 93 -3.63 3.04 4.28
CA ILE C 93 -4.21 3.23 2.95
C ILE C 93 -4.91 4.58 2.92
N ALA C 94 -4.09 5.63 2.95
CA ALA C 94 -4.58 7.00 2.95
C ALA C 94 -3.38 7.92 2.78
N SER C 95 -3.66 9.20 2.56
CA SER C 95 -2.62 10.19 2.36
C SER C 95 -2.72 11.26 3.45
N TYR C 96 -1.57 11.61 4.00
CA TYR C 96 -1.49 12.59 5.06
C TYR C 96 -0.52 13.72 4.81
N ASN C 97 -0.83 14.86 5.41
CA ASN C 97 -0.02 16.05 5.36
C ASN C 97 -0.31 16.81 6.64
N GLU C 98 0.65 16.76 7.56
CA GLU C 98 0.50 17.37 8.87
C GLU C 98 1.42 18.57 9.07
N LEU C 99 0.99 19.50 9.91
CA LEU C 99 1.82 20.67 10.20
C LEU C 99 3.10 20.19 10.85
N SER C 100 4.22 20.82 10.50
CA SER C 100 5.50 20.42 11.05
C SER C 100 5.84 21.21 12.31
N GLY C 101 6.10 20.51 13.41
CA GLY C 101 6.44 21.16 14.66
C GLY C 101 7.88 21.64 14.63
N ARG C 102 8.70 21.01 13.79
CA ARG C 102 10.08 21.39 13.68
C ARG C 102 10.29 22.54 12.68
N TYR C 103 9.21 22.94 12.02
CA TYR C 103 9.25 24.03 11.04
C TYR C 103 8.14 25.04 11.27
N SER C 104 7.68 25.17 12.51
CA SER C 104 6.60 26.09 12.83
C SER C 104 6.41 26.27 14.33
N LYS C 105 6.17 27.52 14.74
CA LYS C 105 5.94 27.84 16.14
C LYS C 105 4.54 27.32 16.51
N LEU C 106 4.50 26.29 17.34
CA LEU C 106 3.23 25.69 17.76
C LEU C 106 2.33 26.65 18.53
N SER C 107 1.02 26.48 18.38
CA SER C 107 0.03 27.32 19.05
C SER C 107 -0.46 26.78 20.39
N TYR C 108 -0.74 27.68 21.32
CA TYR C 108 -1.20 27.31 22.65
C TYR C 108 -2.58 26.67 22.57
N GLU C 109 -2.62 25.44 22.06
CA GLU C 109 -3.87 24.73 21.97
C GLU C 109 -3.71 23.28 22.37
N PHE C 110 -4.37 22.92 23.47
CA PHE C 110 -4.32 21.58 24.00
C PHE C 110 -5.70 21.05 24.34
N TYR C 111 -5.83 19.74 24.36
CA TYR C 111 -7.10 19.13 24.70
C TYR C 111 -7.16 18.97 26.23
N ILE C 112 -8.10 19.66 26.85
CA ILE C 112 -8.26 19.56 28.29
C ILE C 112 -9.56 18.80 28.53
N PRO C 113 -9.47 17.55 28.99
CA PRO C 113 -10.68 16.75 29.24
C PRO C 113 -11.63 17.48 30.18
N SER C 114 -12.91 17.45 29.85
CA SER C 114 -13.92 18.08 30.70
C SER C 114 -14.15 17.13 31.87
N PRO C 115 -14.61 17.67 33.02
CA PRO C 115 -14.85 16.81 34.19
C PRO C 115 -15.79 15.66 33.82
N GLU C 116 -16.71 15.95 32.91
CA GLU C 116 -17.69 14.98 32.43
C GLU C 116 -17.03 13.77 31.73
N ARG C 117 -15.74 13.90 31.43
CA ARG C 117 -14.98 12.84 30.76
C ARG C 117 -14.61 11.71 31.72
N LEU C 118 -14.59 12.01 33.01
CA LEU C 118 -14.27 11.00 34.02
C LEU C 118 -15.54 10.57 34.73
N GLU C 119 -16.66 10.73 34.04
CA GLU C 119 -17.96 10.36 34.58
C GLU C 119 -18.09 8.86 34.42
N GLY C 120 -18.39 8.17 35.52
CA GLY C 120 -18.51 6.73 35.46
C GLY C 120 -17.23 6.12 35.96
N TYR C 121 -16.38 6.95 36.56
CA TYR C 121 -15.11 6.51 37.11
C TYR C 121 -14.94 6.99 38.54
N LYS C 122 -14.64 6.07 39.44
CA LYS C 122 -14.44 6.41 40.84
C LYS C 122 -13.01 6.90 41.04
N THR C 123 -12.87 8.18 41.39
CA THR C 123 -11.56 8.78 41.61
C THR C 123 -11.41 9.32 43.02
N THR C 124 -10.17 9.45 43.48
CA THR C 124 -9.91 9.94 44.82
C THR C 124 -10.02 11.46 44.93
N ILE C 125 -10.21 12.13 43.79
CA ILE C 125 -10.36 13.58 43.79
C ILE C 125 -11.49 13.95 42.85
N PRO C 126 -12.09 15.14 43.03
CA PRO C 126 -13.19 15.58 42.18
C PRO C 126 -12.76 15.71 40.72
N PRO C 127 -13.63 15.31 39.78
CA PRO C 127 -13.31 15.41 38.35
C PRO C 127 -12.73 16.78 38.04
N GLU C 128 -13.27 17.79 38.72
CA GLU C 128 -12.83 19.18 38.57
C GLU C 128 -11.33 19.31 38.80
N ARG C 129 -10.82 18.61 39.81
CA ARG C 129 -9.39 18.65 40.16
C ARG C 129 -8.49 18.07 39.07
N VAL C 130 -8.99 17.05 38.38
CA VAL C 130 -8.24 16.42 37.29
C VAL C 130 -8.05 17.44 36.16
N THR C 131 -9.10 18.18 35.87
CA THR C 131 -9.03 19.21 34.84
C THR C 131 -7.97 20.23 35.25
N GLU C 132 -7.99 20.61 36.52
CA GLU C 132 -7.04 21.59 37.04
C GLU C 132 -5.61 21.09 36.97
N LYS C 133 -5.38 19.83 37.37
CA LYS C 133 -4.04 19.25 37.34
C LYS C 133 -3.52 19.18 35.90
N ILE C 134 -4.38 18.77 34.98
CA ILE C 134 -4.01 18.66 33.57
C ILE C 134 -3.70 20.02 32.98
N SER C 135 -4.59 20.98 33.22
CA SER C 135 -4.42 22.33 32.71
C SER C 135 -3.14 22.99 33.25
N GLU C 136 -2.76 22.67 34.48
CA GLU C 136 -1.57 23.24 35.09
C GLU C 136 -0.29 22.83 34.38
N ILE C 137 -0.03 21.52 34.32
CA ILE C 137 1.18 21.02 33.66
C ILE C 137 1.26 21.52 32.22
N VAL C 138 0.13 21.49 31.53
CA VAL C 138 0.09 21.96 30.16
C VAL C 138 0.60 23.39 30.11
N ASP C 139 0.08 24.22 31.01
CA ASP C 139 0.47 25.62 31.10
C ASP C 139 1.96 25.74 31.37
N LYS C 140 2.44 24.94 32.32
CA LYS C 140 3.87 24.95 32.66
C LYS C 140 4.72 24.48 31.49
N ALA C 141 4.34 23.34 30.92
CA ALA C 141 5.09 22.79 29.80
C ALA C 141 5.17 23.79 28.66
N TYR C 142 4.07 24.43 28.33
CA TYR C 142 4.06 25.39 27.25
C TYR C 142 4.96 26.56 27.60
N ARG C 143 4.93 26.93 28.88
CA ARG C 143 5.74 28.05 29.37
C ARG C 143 7.23 27.85 29.06
N THR C 144 7.78 26.71 29.45
CA THR C 144 9.20 26.45 29.21
C THR C 144 9.51 26.32 27.71
N TYR C 145 8.54 25.85 26.94
CA TYR C 145 8.71 25.73 25.50
C TYR C 145 9.04 27.12 24.93
N LEU C 146 8.24 28.10 25.32
CA LEU C 146 8.42 29.48 24.87
C LEU C 146 9.77 30.03 25.33
N GLU C 147 10.10 29.83 26.61
CA GLU C 147 11.36 30.30 27.14
C GLU C 147 12.51 29.71 26.31
N LEU C 148 12.34 28.47 25.87
CA LEU C 148 13.35 27.81 25.08
C LEU C 148 13.45 28.46 23.70
N ILE C 149 12.31 28.75 23.08
CA ILE C 149 12.33 29.38 21.76
C ILE C 149 13.06 30.73 21.81
N GLU C 150 12.66 31.60 22.74
CA GLU C 150 13.29 32.90 22.88
C GLU C 150 14.78 32.75 23.13
N SER C 151 15.10 31.76 23.96
CA SER C 151 16.48 31.45 24.32
C SER C 151 17.34 31.09 23.12
N GLY C 152 16.72 30.78 21.99
CA GLY C 152 17.49 30.43 20.81
C GLY C 152 17.51 28.95 20.51
N VAL C 153 16.82 28.16 21.34
CA VAL C 153 16.76 26.72 21.13
C VAL C 153 15.88 26.41 19.92
N PRO C 154 16.38 25.58 18.99
CA PRO C 154 15.64 25.19 17.78
C PRO C 154 14.29 24.56 18.12
N ARG C 155 13.26 24.90 17.34
CA ARG C 155 11.89 24.39 17.55
C ARG C 155 11.81 22.87 17.66
N GLU C 156 12.44 22.19 16.70
CA GLU C 156 12.40 20.74 16.66
C GLU C 156 12.87 20.13 17.98
N VAL C 157 13.63 20.90 18.74
CA VAL C 157 14.13 20.43 20.02
C VAL C 157 13.32 20.98 21.19
N ALA C 158 12.84 22.20 21.03
CA ALA C 158 12.06 22.85 22.08
C ALA C 158 10.67 22.25 22.25
N ARG C 159 10.10 21.73 21.16
CA ARG C 159 8.76 21.15 21.26
C ARG C 159 8.68 19.79 21.92
N ILE C 160 9.81 19.18 22.26
CA ILE C 160 9.76 17.86 22.87
C ILE C 160 9.23 17.86 24.30
N VAL C 161 9.11 19.03 24.91
CA VAL C 161 8.58 19.11 26.26
C VAL C 161 7.07 19.35 26.23
N LEU C 162 6.51 19.41 25.03
CA LEU C 162 5.07 19.63 24.86
C LEU C 162 4.35 18.30 24.98
N PRO C 163 3.30 18.23 25.80
CA PRO C 163 2.49 17.01 26.03
C PRO C 163 1.67 16.52 24.84
N LEU C 164 1.35 15.23 24.87
CA LEU C 164 0.58 14.56 23.82
C LEU C 164 -0.78 15.15 23.50
N ASN C 165 -1.32 15.98 24.38
CA ASN C 165 -2.63 16.57 24.14
C ASN C 165 -2.56 17.84 23.30
N LEU C 166 -1.38 18.15 22.76
CA LEU C 166 -1.21 19.32 21.90
C LEU C 166 -2.03 19.04 20.65
N TYR C 167 -2.71 20.05 20.12
CA TYR C 167 -3.51 19.89 18.91
C TYR C 167 -2.65 20.03 17.67
N THR C 168 -2.93 19.21 16.66
CA THR C 168 -2.22 19.28 15.40
C THR C 168 -3.28 19.25 14.30
N ARG C 169 -2.90 19.58 13.08
CA ARG C 169 -3.83 19.57 11.96
C ARG C 169 -3.23 18.85 10.76
N PHE C 170 -4.08 18.19 10.00
CA PHE C 170 -3.62 17.47 8.84
C PHE C 170 -4.68 17.36 7.75
N PHE C 171 -4.24 16.96 6.57
CA PHE C 171 -5.12 16.76 5.44
C PHE C 171 -5.12 15.26 5.30
N TRP C 172 -6.29 14.69 5.08
CA TRP C 172 -6.46 13.24 4.96
C TRP C 172 -7.27 12.93 3.71
N THR C 173 -6.64 12.28 2.74
CA THR C 173 -7.31 11.88 1.52
C THR C 173 -7.40 10.37 1.59
N VAL C 174 -8.62 9.85 1.57
CA VAL C 174 -8.87 8.42 1.69
C VAL C 174 -10.05 8.01 0.83
N ASN C 175 -9.96 6.85 0.19
CA ASN C 175 -11.08 6.41 -0.62
C ASN C 175 -12.16 5.80 0.27
N ALA C 176 -13.35 5.60 -0.30
CA ALA C 176 -14.50 5.07 0.44
C ALA C 176 -14.27 3.74 1.15
N ARG C 177 -13.59 2.82 0.48
CA ARG C 177 -13.34 1.52 1.08
C ARG C 177 -12.51 1.64 2.36
N SER C 178 -11.39 2.35 2.25
CA SER C 178 -10.47 2.57 3.34
C SER C 178 -11.14 3.35 4.48
N LEU C 179 -12.07 4.23 4.12
CA LEU C 179 -12.80 5.02 5.11
C LEU C 179 -13.73 4.10 5.92
N MET C 180 -14.35 3.13 5.25
CA MET C 180 -15.24 2.20 5.94
C MET C 180 -14.45 1.35 6.93
N ASN C 181 -13.23 0.96 6.53
CA ASN C 181 -12.35 0.17 7.39
C ASN C 181 -11.98 1.01 8.61
N PHE C 182 -11.84 2.32 8.41
CA PHE C 182 -11.53 3.25 9.49
C PHE C 182 -12.71 3.26 10.46
N LEU C 183 -13.92 3.38 9.94
CA LEU C 183 -15.11 3.40 10.79
C LEU C 183 -15.24 2.11 11.61
N ASN C 184 -14.96 0.98 10.98
CA ASN C 184 -15.04 -0.32 11.64
C ASN C 184 -14.23 -0.37 12.92
N LEU C 185 -13.04 0.21 12.90
CA LEU C 185 -12.16 0.19 14.06
C LEU C 185 -12.31 1.40 14.99
N ARG C 186 -12.53 2.58 14.43
CA ARG C 186 -12.63 3.78 15.25
C ARG C 186 -14.03 4.14 15.75
N ALA C 187 -15.05 3.84 14.95
CA ALA C 187 -16.41 4.13 15.35
C ALA C 187 -16.90 2.89 16.09
N ASP C 188 -16.16 2.55 17.15
CA ASP C 188 -16.42 1.37 17.97
C ASP C 188 -16.13 1.75 19.43
N SER C 189 -16.87 1.17 20.37
CA SER C 189 -16.69 1.48 21.78
C SER C 189 -15.35 1.03 22.34
N HIS C 190 -14.63 0.18 21.60
CA HIS C 190 -13.32 -0.27 22.06
C HIS C 190 -12.20 0.73 21.72
N ALA C 191 -12.49 1.68 20.84
CA ALA C 191 -11.48 2.68 20.50
C ALA C 191 -11.55 3.78 21.57
N GLN C 192 -10.45 4.50 21.76
CA GLN C 192 -10.46 5.56 22.76
C GLN C 192 -11.60 6.51 22.47
N TRP C 193 -12.31 6.91 23.52
CA TRP C 193 -13.45 7.81 23.39
C TRP C 193 -13.20 9.01 22.50
N GLU C 194 -12.06 9.66 22.69
CA GLU C 194 -11.71 10.84 21.91
C GLU C 194 -11.69 10.64 20.39
N ILE C 195 -11.22 9.48 19.91
CA ILE C 195 -11.20 9.27 18.47
C ILE C 195 -12.58 8.79 17.98
N GLN C 196 -13.37 8.22 18.88
CA GLN C 196 -14.72 7.78 18.52
C GLN C 196 -15.48 9.01 18.03
N GLN C 197 -15.27 10.13 18.73
CA GLN C 197 -15.92 11.40 18.40
C GLN C 197 -15.59 11.85 16.99
N TYR C 198 -14.33 11.68 16.60
CA TYR C 198 -13.91 12.06 15.26
C TYR C 198 -14.53 11.11 14.22
N ALA C 199 -14.54 9.82 14.51
CA ALA C 199 -15.11 8.84 13.59
C ALA C 199 -16.59 9.15 13.33
N LEU C 200 -17.29 9.57 14.37
CA LEU C 200 -18.70 9.91 14.20
C LEU C 200 -18.84 11.06 13.21
N ALA C 201 -17.98 12.07 13.35
CA ALA C 201 -17.98 13.23 12.46
C ALA C 201 -17.69 12.79 11.03
N ILE C 202 -16.73 11.87 10.87
CA ILE C 202 -16.38 11.34 9.57
C ILE C 202 -17.61 10.65 8.95
N ALA C 203 -18.27 9.81 9.76
CA ALA C 203 -19.45 9.07 9.34
C ALA C 203 -20.58 9.95 8.84
N ARG C 204 -20.80 11.07 9.54
CA ARG C 204 -21.85 11.99 9.15
C ARG C 204 -21.60 12.51 7.72
N ILE C 205 -20.39 13.02 7.49
CA ILE C 205 -20.02 13.55 6.18
C ILE C 205 -20.10 12.45 5.14
N PHE C 206 -19.63 11.26 5.51
CA PHE C 206 -19.68 10.11 4.62
C PHE C 206 -21.14 9.81 4.26
N LYS C 207 -22.02 9.79 5.27
CA LYS C 207 -23.43 9.52 5.06
C LYS C 207 -24.06 10.53 4.09
N GLU C 208 -23.72 11.80 4.29
CA GLU C 208 -24.21 12.88 3.45
C GLU C 208 -23.80 12.75 1.99
N LYS C 209 -22.55 12.33 1.75
CA LYS C 209 -22.02 12.20 0.40
C LYS C 209 -22.38 10.90 -0.33
N CYS C 210 -22.37 9.79 0.39
CA CYS C 210 -22.69 8.48 -0.20
C CYS C 210 -23.70 7.73 0.69
N PRO C 211 -24.96 8.21 0.72
CA PRO C 211 -26.03 7.60 1.52
C PRO C 211 -26.32 6.12 1.27
N TRP C 212 -26.38 5.72 -0.01
CA TRP C 212 -26.64 4.33 -0.34
C TRP C 212 -25.52 3.40 0.15
N THR C 213 -24.28 3.80 -0.08
CA THR C 213 -23.15 2.99 0.34
C THR C 213 -23.11 2.89 1.86
N PHE C 214 -23.34 4.02 2.52
CA PHE C 214 -23.32 4.07 3.99
C PHE C 214 -24.36 3.12 4.58
N GLU C 215 -25.59 3.22 4.11
CA GLU C 215 -26.66 2.36 4.60
C GLU C 215 -26.33 0.90 4.36
N ALA C 216 -25.81 0.60 3.17
CA ALA C 216 -25.43 -0.77 2.83
C ALA C 216 -24.30 -1.20 3.76
N PHE C 217 -23.40 -0.26 4.04
CA PHE C 217 -22.28 -0.55 4.93
C PHE C 217 -22.80 -0.98 6.30
N LEU C 218 -23.60 -0.13 6.93
CA LEU C 218 -24.15 -0.44 8.25
C LEU C 218 -24.89 -1.76 8.25
N LYS C 219 -25.60 -2.02 7.17
CA LYS C 219 -26.41 -3.22 7.02
C LYS C 219 -25.64 -4.52 6.74
N TYR C 220 -24.58 -4.45 5.95
CA TYR C 220 -23.85 -5.67 5.62
C TYR C 220 -22.41 -5.83 6.03
N ALA C 221 -21.69 -4.75 6.26
CA ALA C 221 -20.29 -4.90 6.59
C ALA C 221 -19.72 -4.25 7.87
N TYR C 222 -20.36 -3.21 8.38
CA TYR C 222 -19.89 -2.53 9.58
C TYR C 222 -19.69 -3.48 10.78
N LYS C 223 -18.48 -3.49 11.33
CA LYS C 223 -18.16 -4.36 12.45
C LYS C 223 -18.23 -3.64 13.79
N GLY C 224 -18.43 -2.33 13.76
CA GLY C 224 -18.48 -1.55 14.99
C GLY C 224 -19.76 -1.70 15.78
N ASP C 225 -19.87 -0.96 16.88
CA ASP C 225 -21.05 -1.03 17.72
C ASP C 225 -21.79 0.27 18.02
N ILE C 226 -21.29 1.41 17.55
CA ILE C 226 -22.01 2.65 17.83
C ILE C 226 -22.81 3.22 16.66
N LEU C 227 -22.33 3.00 15.43
CA LEU C 227 -23.02 3.52 14.26
C LEU C 227 -24.42 2.97 14.01
N LYS C 228 -24.88 2.08 14.87
CA LYS C 228 -26.20 1.54 14.69
C LYS C 228 -27.07 1.92 15.88
N GLU C 229 -26.46 2.62 16.83
CA GLU C 229 -27.15 3.07 18.04
C GLU C 229 -27.19 4.58 18.17
N VAL C 230 -26.57 5.28 17.21
CA VAL C 230 -26.54 6.73 17.22
C VAL C 230 -26.80 7.23 15.81
N GLN C 231 -27.82 8.06 15.64
CA GLN C 231 -28.17 8.58 14.32
C GLN C 231 -27.03 9.37 13.67
N VAL C 232 -26.91 9.23 12.35
CA VAL C 232 -25.90 9.88 11.52
C VAL C 232 -24.47 9.88 12.06
N MET D 13 -13.25 14.13 -22.06
CA MET D 13 -11.96 14.04 -22.79
C MET D 13 -11.58 12.58 -23.04
N LYS D 14 -11.37 12.24 -24.30
CA LYS D 14 -11.03 10.87 -24.71
C LYS D 14 -9.93 10.86 -25.76
N ILE D 15 -9.01 9.89 -25.68
CA ILE D 15 -7.91 9.78 -26.63
C ILE D 15 -7.75 8.35 -27.16
N ASP D 16 -7.87 8.18 -28.47
CA ASP D 16 -7.75 6.86 -29.08
C ASP D 16 -6.31 6.34 -29.10
N ILE D 17 -6.13 5.07 -28.75
CA ILE D 17 -4.82 4.45 -28.70
C ILE D 17 -4.81 3.15 -29.50
N LEU D 18 -3.71 2.90 -30.21
CA LEU D 18 -3.57 1.70 -31.03
C LEU D 18 -4.72 1.64 -32.01
N ASP D 19 -5.10 0.45 -32.46
CA ASP D 19 -6.18 0.34 -33.43
C ASP D 19 -7.60 0.42 -32.88
N LYS D 20 -7.83 0.02 -31.63
CA LYS D 20 -9.19 0.08 -31.10
C LYS D 20 -9.25 0.45 -29.61
N GLY D 21 -8.11 0.79 -29.03
CA GLY D 21 -8.08 1.13 -27.61
C GLY D 21 -8.32 2.59 -27.29
N PHE D 22 -8.37 2.91 -26.01
CA PHE D 22 -8.58 4.30 -25.60
C PHE D 22 -8.34 4.59 -24.14
N VAL D 23 -8.22 5.87 -23.85
CA VAL D 23 -8.03 6.35 -22.48
C VAL D 23 -8.95 7.55 -22.37
N GLU D 24 -9.92 7.49 -21.47
CA GLU D 24 -10.81 8.62 -21.27
C GLU D 24 -10.93 8.98 -19.79
N LEU D 25 -11.01 10.29 -19.53
CA LEU D 25 -11.11 10.80 -18.19
C LEU D 25 -12.54 10.65 -17.69
N VAL D 26 -12.71 9.97 -16.56
CA VAL D 26 -14.03 9.80 -16.01
C VAL D 26 -14.32 10.85 -14.94
N ASP D 27 -13.35 11.11 -14.05
CA ASP D 27 -13.53 12.10 -13.01
C ASP D 27 -12.18 12.53 -12.48
N VAL D 28 -12.17 13.65 -11.76
CA VAL D 28 -10.94 14.20 -11.20
C VAL D 28 -11.26 14.94 -9.93
N MET D 29 -10.37 14.84 -8.94
CA MET D 29 -10.56 15.58 -7.71
C MET D 29 -9.41 16.55 -7.50
N GLY D 30 -9.73 17.84 -7.46
CA GLY D 30 -8.70 18.85 -7.23
C GLY D 30 -7.89 19.26 -8.45
N ASN D 31 -6.88 20.09 -8.21
CA ASN D 31 -6.01 20.57 -9.26
C ASN D 31 -4.64 20.91 -8.64
N ASP D 32 -3.87 21.78 -9.29
CA ASP D 32 -2.57 22.16 -8.76
C ASP D 32 -2.67 22.78 -7.38
N LEU D 33 -3.75 23.51 -7.15
CA LEU D 33 -3.96 24.15 -5.86
C LEU D 33 -4.23 23.17 -4.73
N SER D 34 -4.72 21.98 -5.10
CA SER D 34 -4.98 20.95 -4.09
C SER D 34 -3.68 20.57 -3.42
N ALA D 35 -2.60 20.52 -4.21
CA ALA D 35 -1.28 20.17 -3.69
C ALA D 35 -0.74 21.30 -2.84
N VAL D 36 -0.92 22.53 -3.32
CA VAL D 36 -0.46 23.71 -2.59
C VAL D 36 -1.13 23.78 -1.21
N ARG D 37 -2.45 23.64 -1.22
CA ARG D 37 -3.23 23.70 0.01
C ARG D 37 -2.82 22.63 1.03
N ALA D 38 -2.64 21.40 0.56
CA ALA D 38 -2.25 20.31 1.44
C ALA D 38 -0.87 20.53 2.04
N ALA D 39 0.04 21.09 1.25
CA ALA D 39 1.42 21.34 1.70
C ALA D 39 1.46 22.37 2.83
N ARG D 40 0.49 23.28 2.84
CA ARG D 40 0.41 24.32 3.87
C ARG D 40 -0.56 23.90 4.98
N VAL D 41 -1.34 22.85 4.71
CA VAL D 41 -2.33 22.34 5.66
C VAL D 41 -3.33 23.46 5.99
N SER D 42 -3.78 24.20 4.98
CA SER D 42 -4.70 25.31 5.23
C SER D 42 -5.90 25.44 4.28
N PHE D 43 -7.09 25.55 4.87
CA PHE D 43 -8.35 25.70 4.14
C PHE D 43 -9.03 24.39 3.77
N ASP D 49 -2.33 33.86 -4.94
CA ASP D 49 -1.10 34.35 -5.56
C ASP D 49 -0.45 33.25 -6.39
N GLU D 50 -0.76 33.22 -7.69
CA GLU D 50 -0.21 32.21 -8.58
C GLU D 50 1.31 32.08 -8.51
N GLU D 51 2.01 33.20 -8.51
CA GLU D 51 3.47 33.17 -8.46
C GLU D 51 3.95 32.50 -7.19
N ARG D 52 3.29 32.77 -6.07
CA ARG D 52 3.65 32.17 -4.79
C ARG D 52 3.34 30.68 -4.79
N ASP D 53 2.25 30.32 -5.45
CA ASP D 53 1.82 28.93 -5.52
C ASP D 53 2.62 28.13 -6.54
N ARG D 54 2.81 28.73 -7.70
CA ARG D 54 3.58 28.10 -8.78
C ARG D 54 4.95 27.71 -8.26
N HIS D 55 5.59 28.66 -7.56
CA HIS D 55 6.92 28.48 -6.99
C HIS D 55 6.97 27.40 -5.90
N LEU D 56 5.89 27.27 -5.14
CA LEU D 56 5.84 26.25 -4.08
C LEU D 56 5.76 24.89 -4.77
N ILE D 57 4.94 24.80 -5.80
CA ILE D 57 4.81 23.56 -6.55
C ILE D 57 6.17 23.13 -7.08
N GLU D 58 6.93 24.10 -7.61
CA GLU D 58 8.25 23.79 -8.15
C GLU D 58 9.20 23.48 -7.02
N TYR D 59 9.06 24.19 -5.90
CA TYR D 59 9.92 23.93 -4.75
C TYR D 59 9.71 22.48 -4.27
N LEU D 60 8.47 22.10 -4.04
CA LEU D 60 8.16 20.73 -3.58
C LEU D 60 8.65 19.66 -4.56
N MET D 61 8.52 19.92 -5.85
CA MET D 61 8.94 18.97 -6.86
C MET D 61 10.45 18.74 -6.94
N LYS D 62 11.26 19.79 -6.80
CA LYS D 62 12.71 19.64 -6.89
C LYS D 62 13.37 19.04 -5.64
N HIS D 63 12.69 19.13 -4.49
CA HIS D 63 13.24 18.58 -3.25
C HIS D 63 12.68 17.20 -2.89
N GLY D 64 11.90 16.63 -3.80
CA GLY D 64 11.35 15.31 -3.55
C GLY D 64 10.17 15.21 -2.60
N HIS D 65 9.53 16.34 -2.26
CA HIS D 65 8.37 16.29 -1.37
C HIS D 65 7.14 16.02 -2.23
N GLU D 66 6.80 14.74 -2.37
CA GLU D 66 5.70 14.32 -3.21
C GLU D 66 4.35 14.02 -2.55
N THR D 67 4.32 13.92 -1.23
CA THR D 67 3.06 13.63 -0.53
C THR D 67 1.93 14.63 -0.84
N PRO D 68 2.25 15.92 -1.01
CA PRO D 68 1.20 16.91 -1.32
C PRO D 68 0.44 16.60 -2.60
N PHE D 69 1.12 15.97 -3.55
CA PHE D 69 0.51 15.64 -4.82
C PHE D 69 -0.42 14.43 -4.76
N GLU D 70 -0.47 13.78 -3.60
CA GLU D 70 -1.36 12.63 -3.43
C GLU D 70 -2.82 13.06 -3.27
N HIS D 71 -3.05 14.33 -2.95
CA HIS D 71 -4.41 14.84 -2.76
C HIS D 71 -5.12 15.23 -4.05
N ILE D 72 -4.55 14.82 -5.17
CA ILE D 72 -5.13 15.06 -6.48
C ILE D 72 -5.36 13.64 -7.00
N VAL D 73 -6.58 13.34 -7.40
CA VAL D 73 -6.88 11.99 -7.87
C VAL D 73 -7.68 12.00 -9.17
N PHE D 74 -7.41 11.02 -10.04
CA PHE D 74 -8.09 10.88 -11.32
C PHE D 74 -8.70 9.49 -11.42
N THR D 75 -9.69 9.35 -12.29
CA THR D 75 -10.30 8.06 -12.55
C THR D 75 -10.34 7.96 -14.08
N PHE D 76 -9.67 6.96 -14.63
CA PHE D 76 -9.66 6.78 -16.07
C PHE D 76 -10.45 5.52 -16.45
N HIS D 77 -10.91 5.50 -17.70
CA HIS D 77 -11.62 4.36 -18.25
C HIS D 77 -10.71 3.97 -19.40
N VAL D 78 -10.05 2.83 -19.28
CA VAL D 78 -9.11 2.38 -20.29
C VAL D 78 -9.50 1.13 -21.07
N LYS D 79 -9.30 1.19 -22.38
CA LYS D 79 -9.59 0.07 -23.25
C LYS D 79 -8.23 -0.33 -23.83
N ALA D 80 -7.71 -1.47 -23.37
CA ALA D 80 -6.40 -1.91 -23.83
C ALA D 80 -6.28 -3.42 -23.93
N PRO D 81 -5.27 -3.87 -24.71
CA PRO D 81 -4.99 -5.29 -24.90
C PRO D 81 -4.53 -5.86 -23.55
N ILE D 82 -4.88 -7.10 -23.27
CA ILE D 82 -4.51 -7.72 -22.01
C ILE D 82 -3.01 -7.67 -21.71
N PHE D 83 -2.17 -7.86 -22.73
CA PHE D 83 -0.73 -7.82 -22.49
C PHE D 83 -0.26 -6.44 -22.07
N VAL D 84 -1.00 -5.40 -22.40
CA VAL D 84 -0.63 -4.06 -21.96
C VAL D 84 -1.16 -3.93 -20.52
N ALA D 85 -2.34 -4.49 -20.29
CA ALA D 85 -2.99 -4.48 -18.98
C ALA D 85 -2.17 -5.21 -17.92
N ARG D 86 -1.58 -6.34 -18.28
CA ARG D 86 -0.78 -7.10 -17.33
C ARG D 86 0.38 -6.26 -16.85
N GLN D 87 0.89 -5.39 -17.71
CA GLN D 87 2.01 -4.53 -17.32
C GLN D 87 1.47 -3.36 -16.49
N TRP D 88 0.35 -2.83 -16.94
CA TRP D 88 -0.29 -1.70 -16.25
C TRP D 88 -0.70 -2.03 -14.82
N PHE D 89 -1.33 -3.19 -14.62
CA PHE D 89 -1.80 -3.61 -13.30
C PHE D 89 -0.70 -3.86 -12.27
N ARG D 90 0.56 -3.87 -12.71
CA ARG D 90 1.66 -4.08 -11.78
C ARG D 90 1.88 -2.84 -10.90
N HIS D 91 1.20 -1.74 -11.23
CA HIS D 91 1.32 -0.51 -10.45
C HIS D 91 0.26 -0.66 -9.34
N ARG D 92 0.72 -1.02 -8.14
CA ARG D 92 -0.16 -1.30 -7.01
C ARG D 92 -0.74 -0.14 -6.23
N ILE D 93 -0.12 1.03 -6.30
CA ILE D 93 -0.65 2.17 -5.57
C ILE D 93 -1.74 2.83 -6.40
N ALA D 94 -2.80 2.07 -6.68
CA ALA D 94 -3.93 2.54 -7.46
C ALA D 94 -5.10 1.56 -7.29
N SER D 95 -6.23 1.88 -7.92
CA SER D 95 -7.44 1.07 -7.83
C SER D 95 -7.92 0.60 -9.20
N TYR D 96 -8.40 -0.64 -9.27
CA TYR D 96 -8.85 -1.20 -10.52
C TYR D 96 -10.14 -2.01 -10.47
N ASN D 97 -10.85 -1.98 -11.58
CA ASN D 97 -12.07 -2.74 -11.75
C ASN D 97 -12.12 -3.05 -13.24
N GLU D 98 -11.93 -4.33 -13.56
CA GLU D 98 -11.90 -4.77 -14.95
C GLU D 98 -13.12 -5.60 -15.33
N LEU D 99 -13.40 -5.67 -16.62
CA LEU D 99 -14.49 -6.49 -17.11
C LEU D 99 -14.18 -7.94 -16.78
N SER D 100 -15.20 -8.70 -16.39
CA SER D 100 -14.98 -10.11 -16.05
C SER D 100 -15.13 -11.03 -17.27
N GLY D 101 -14.00 -11.49 -17.81
CA GLY D 101 -14.02 -12.38 -18.96
C GLY D 101 -14.71 -13.71 -18.74
N ARG D 102 -14.74 -14.18 -17.50
CA ARG D 102 -15.38 -15.45 -17.18
C ARG D 102 -16.89 -15.33 -16.92
N TYR D 103 -17.37 -14.09 -16.79
CA TYR D 103 -18.78 -13.85 -16.54
C TYR D 103 -19.41 -12.86 -17.49
N SER D 104 -19.06 -13.00 -18.78
CA SER D 104 -19.58 -12.14 -19.85
C SER D 104 -18.95 -12.54 -21.18
N LYS D 105 -19.79 -12.72 -22.20
CA LYS D 105 -19.32 -13.10 -23.53
C LYS D 105 -18.28 -12.10 -24.01
N LEU D 106 -17.06 -12.58 -24.28
CA LEU D 106 -16.01 -11.70 -24.73
C LEU D 106 -16.26 -11.20 -26.16
N SER D 107 -16.03 -9.90 -26.34
CA SER D 107 -16.22 -9.25 -27.63
C SER D 107 -15.07 -9.56 -28.58
N TYR D 108 -15.35 -9.48 -29.87
CA TYR D 108 -14.35 -9.76 -30.90
C TYR D 108 -13.45 -8.55 -31.09
N GLU D 109 -12.71 -8.18 -30.04
CA GLU D 109 -11.81 -7.05 -30.10
C GLU D 109 -10.35 -7.42 -29.85
N PHE D 110 -9.54 -7.36 -30.88
CA PHE D 110 -8.13 -7.72 -30.75
C PHE D 110 -7.22 -6.66 -31.34
N TYR D 111 -6.05 -6.48 -30.74
CA TYR D 111 -5.09 -5.52 -31.26
C TYR D 111 -4.27 -6.11 -32.39
N ILE D 112 -4.46 -5.57 -33.59
CA ILE D 112 -3.68 -6.03 -34.73
C ILE D 112 -2.68 -4.92 -35.06
N PRO D 113 -1.40 -5.14 -34.76
CA PRO D 113 -0.35 -4.15 -35.04
C PRO D 113 -0.42 -3.62 -36.47
N SER D 114 0.16 -2.45 -36.69
CA SER D 114 0.19 -1.89 -38.03
C SER D 114 1.56 -2.29 -38.58
N PRO D 115 1.69 -2.36 -39.91
CA PRO D 115 3.01 -2.73 -40.45
C PRO D 115 4.14 -1.81 -40.00
N GLU D 116 3.81 -0.58 -39.66
CA GLU D 116 4.82 0.37 -39.21
C GLU D 116 5.38 -0.01 -37.84
N ARG D 117 4.77 -1.00 -37.20
CA ARG D 117 5.20 -1.46 -35.89
C ARG D 117 6.49 -2.25 -36.02
N LEU D 118 6.74 -2.78 -37.21
CA LEU D 118 7.93 -3.58 -37.46
C LEU D 118 9.04 -2.71 -38.05
N GLU D 119 8.70 -1.46 -38.32
CA GLU D 119 9.62 -0.48 -38.88
C GLU D 119 10.89 -0.42 -38.04
N GLY D 120 12.04 -0.54 -38.68
CA GLY D 120 13.30 -0.51 -37.97
C GLY D 120 13.85 -1.93 -37.88
N TYR D 121 12.95 -2.88 -37.76
CA TYR D 121 13.34 -4.28 -37.68
C TYR D 121 13.29 -4.90 -39.08
N LYS D 122 14.39 -5.56 -39.44
CA LYS D 122 14.48 -6.21 -40.74
C LYS D 122 14.06 -7.66 -40.57
N THR D 123 12.84 -7.98 -41.03
CA THR D 123 12.30 -9.32 -40.90
C THR D 123 12.33 -10.14 -42.18
N THR D 124 12.35 -11.47 -42.00
CA THR D 124 12.38 -12.42 -43.10
C THR D 124 11.20 -12.25 -44.04
N ILE D 125 10.06 -11.86 -43.49
CA ILE D 125 8.86 -11.68 -44.30
C ILE D 125 8.35 -10.26 -44.18
N PRO D 126 7.62 -9.79 -45.21
CA PRO D 126 7.07 -8.43 -45.21
C PRO D 126 6.23 -8.14 -43.96
N PRO D 127 6.48 -6.99 -43.32
CA PRO D 127 5.73 -6.60 -42.12
C PRO D 127 4.23 -6.82 -42.27
N GLU D 128 3.69 -6.50 -43.45
CA GLU D 128 2.27 -6.65 -43.72
C GLU D 128 1.88 -8.14 -43.69
N ARG D 129 2.86 -9.01 -43.80
CA ARG D 129 2.60 -10.44 -43.78
C ARG D 129 2.46 -10.83 -42.29
N VAL D 130 3.28 -10.20 -41.45
CA VAL D 130 3.22 -10.47 -40.01
C VAL D 130 1.85 -10.03 -39.50
N THR D 131 1.39 -8.90 -40.02
CA THR D 131 0.09 -8.34 -39.67
C THR D 131 -1.00 -9.35 -40.02
N GLU D 132 -0.79 -10.04 -41.14
CA GLU D 132 -1.75 -11.04 -41.63
C GLU D 132 -1.76 -12.28 -40.75
N LYS D 133 -0.58 -12.80 -40.41
CA LYS D 133 -0.49 -13.98 -39.57
C LYS D 133 -1.13 -13.79 -38.20
N ILE D 134 -0.99 -12.59 -37.65
CA ILE D 134 -1.57 -12.28 -36.34
C ILE D 134 -3.10 -12.31 -36.40
N SER D 135 -3.66 -11.75 -37.45
CA SER D 135 -5.11 -11.72 -37.65
C SER D 135 -5.66 -13.13 -37.77
N GLU D 136 -4.91 -13.98 -38.47
CA GLU D 136 -5.29 -15.37 -38.69
C GLU D 136 -5.49 -16.12 -37.37
N ILE D 137 -4.47 -16.03 -36.51
CA ILE D 137 -4.51 -16.68 -35.20
C ILE D 137 -5.71 -16.18 -34.41
N VAL D 138 -5.86 -14.87 -34.36
CA VAL D 138 -6.96 -14.24 -33.67
C VAL D 138 -8.28 -14.86 -34.10
N ASP D 139 -8.48 -14.92 -35.41
CA ASP D 139 -9.71 -15.49 -35.95
C ASP D 139 -9.91 -16.96 -35.59
N LYS D 140 -8.89 -17.79 -35.84
CA LYS D 140 -9.02 -19.20 -35.49
C LYS D 140 -9.29 -19.35 -33.99
N ALA D 141 -8.49 -18.66 -33.19
CA ALA D 141 -8.64 -18.72 -31.74
C ALA D 141 -10.07 -18.34 -31.35
N TYR D 142 -10.49 -17.16 -31.83
CA TYR D 142 -11.81 -16.65 -31.54
C TYR D 142 -12.92 -17.61 -32.00
N ARG D 143 -12.74 -18.22 -33.16
CA ARG D 143 -13.74 -19.16 -33.65
C ARG D 143 -13.79 -20.38 -32.74
N THR D 144 -12.62 -20.88 -32.34
CA THR D 144 -12.58 -22.03 -31.44
C THR D 144 -13.33 -21.70 -30.15
N TYR D 145 -13.16 -20.46 -29.70
CA TYR D 145 -13.82 -19.96 -28.49
C TYR D 145 -15.33 -20.07 -28.65
N LEU D 146 -15.85 -19.38 -29.67
CA LEU D 146 -17.28 -19.38 -29.96
C LEU D 146 -17.76 -20.82 -30.14
N GLU D 147 -16.95 -21.62 -30.80
CA GLU D 147 -17.27 -23.02 -31.01
C GLU D 147 -17.43 -23.70 -29.66
N LEU D 148 -16.50 -23.40 -28.75
CA LEU D 148 -16.54 -24.00 -27.41
C LEU D 148 -17.78 -23.58 -26.64
N ILE D 149 -18.08 -22.29 -26.65
CA ILE D 149 -19.26 -21.81 -25.94
C ILE D 149 -20.53 -22.47 -26.46
N GLU D 150 -20.69 -22.49 -27.79
CA GLU D 150 -21.87 -23.09 -28.38
C GLU D 150 -22.04 -24.56 -27.95
N SER D 151 -20.93 -25.26 -27.77
CA SER D 151 -20.93 -26.66 -27.35
C SER D 151 -21.38 -26.82 -25.91
N GLY D 152 -21.36 -25.72 -25.15
CA GLY D 152 -21.76 -25.80 -23.75
C GLY D 152 -20.58 -25.72 -22.79
N VAL D 153 -19.40 -25.40 -23.30
CA VAL D 153 -18.23 -25.25 -22.44
C VAL D 153 -18.35 -23.87 -21.79
N PRO D 154 -18.32 -23.81 -20.46
CA PRO D 154 -18.43 -22.52 -19.76
C PRO D 154 -17.38 -21.49 -20.17
N ARG D 155 -17.77 -20.22 -20.16
CA ARG D 155 -16.90 -19.12 -20.55
C ARG D 155 -15.54 -19.09 -19.85
N GLU D 156 -15.55 -19.27 -18.54
CA GLU D 156 -14.31 -19.23 -17.76
C GLU D 156 -13.27 -20.20 -18.29
N VAL D 157 -13.72 -21.21 -19.02
CA VAL D 157 -12.83 -22.21 -19.58
C VAL D 157 -12.48 -21.96 -21.05
N ALA D 158 -13.50 -21.67 -21.85
CA ALA D 158 -13.34 -21.45 -23.28
C ALA D 158 -12.43 -20.28 -23.62
N ARG D 159 -12.53 -19.20 -22.84
CA ARG D 159 -11.72 -18.03 -23.10
C ARG D 159 -10.25 -18.25 -22.91
N ILE D 160 -9.84 -19.40 -22.34
CA ILE D 160 -8.42 -19.63 -22.12
C ILE D 160 -7.64 -19.84 -23.41
N VAL D 161 -8.35 -19.92 -24.54
CA VAL D 161 -7.67 -20.10 -25.82
C VAL D 161 -7.56 -18.75 -26.54
N LEU D 162 -8.01 -17.68 -25.90
CA LEU D 162 -7.94 -16.36 -26.52
C LEU D 162 -6.54 -15.77 -26.32
N PRO D 163 -6.00 -15.14 -27.36
CA PRO D 163 -4.66 -14.53 -27.31
C PRO D 163 -4.55 -13.30 -26.43
N LEU D 164 -3.31 -12.96 -26.09
CA LEU D 164 -2.98 -11.82 -25.25
C LEU D 164 -3.34 -10.45 -25.84
N ASN D 165 -3.61 -10.40 -27.13
CA ASN D 165 -3.94 -9.13 -27.78
C ASN D 165 -5.43 -8.78 -27.68
N LEU D 166 -6.20 -9.65 -27.02
CA LEU D 166 -7.63 -9.43 -26.83
C LEU D 166 -7.83 -8.14 -26.03
N TYR D 167 -8.74 -7.28 -26.46
CA TYR D 167 -8.96 -6.03 -25.73
C TYR D 167 -9.80 -6.22 -24.48
N THR D 168 -9.45 -5.47 -23.43
CA THR D 168 -10.16 -5.49 -22.18
C THR D 168 -10.34 -4.04 -21.75
N ARG D 169 -11.24 -3.79 -20.82
CA ARG D 169 -11.48 -2.44 -20.33
C ARG D 169 -11.48 -2.42 -18.81
N PHE D 170 -11.08 -1.29 -18.24
CA PHE D 170 -11.03 -1.14 -16.80
C PHE D 170 -11.07 0.31 -16.36
N PHE D 171 -11.47 0.52 -15.11
CA PHE D 171 -11.50 1.84 -14.52
C PHE D 171 -10.24 1.94 -13.68
N TRP D 172 -9.54 3.06 -13.77
CA TRP D 172 -8.31 3.23 -13.00
C TRP D 172 -8.30 4.54 -12.21
N THR D 173 -8.28 4.42 -10.89
CA THR D 173 -8.23 5.58 -10.02
C THR D 173 -6.84 5.61 -9.40
N VAL D 174 -6.17 6.76 -9.55
CA VAL D 174 -4.81 6.91 -9.07
C VAL D 174 -4.50 8.36 -8.67
N ASN D 175 -3.66 8.55 -7.66
CA ASN D 175 -3.33 9.91 -7.27
C ASN D 175 -2.18 10.45 -8.12
N ALA D 176 -2.03 11.77 -8.13
CA ALA D 176 -0.99 12.43 -8.93
C ALA D 176 0.43 11.91 -8.72
N ARG D 177 0.81 11.68 -7.46
CA ARG D 177 2.15 11.16 -7.20
C ARG D 177 2.31 9.80 -7.87
N SER D 178 1.32 8.94 -7.67
CA SER D 178 1.35 7.61 -8.24
C SER D 178 1.32 7.69 -9.75
N LEU D 179 0.56 8.64 -10.29
CA LEU D 179 0.49 8.80 -11.74
C LEU D 179 1.87 9.18 -12.29
N MET D 180 2.61 10.02 -11.56
CA MET D 180 3.94 10.44 -11.98
C MET D 180 4.93 9.27 -11.90
N ASN D 181 4.66 8.31 -11.02
CA ASN D 181 5.49 7.12 -10.89
C ASN D 181 5.24 6.31 -12.17
N PHE D 182 3.97 6.23 -12.55
CA PHE D 182 3.54 5.52 -13.74
C PHE D 182 4.28 6.05 -14.97
N LEU D 183 4.27 7.37 -15.16
CA LEU D 183 4.92 8.01 -16.30
C LEU D 183 6.45 7.86 -16.31
N ASN D 184 7.07 7.83 -15.14
CA ASN D 184 8.51 7.67 -15.09
C ASN D 184 8.91 6.33 -15.69
N LEU D 185 8.09 5.31 -15.45
CA LEU D 185 8.38 3.97 -15.96
C LEU D 185 7.75 3.65 -17.31
N ARG D 186 6.54 4.13 -17.56
CA ARG D 186 5.87 3.82 -18.81
C ARG D 186 6.06 4.84 -19.93
N ALA D 187 6.31 6.10 -19.58
CA ALA D 187 6.54 7.12 -20.60
C ALA D 187 8.06 7.14 -20.82
N ASP D 188 8.59 5.99 -21.21
CA ASP D 188 10.02 5.83 -21.44
C ASP D 188 10.24 4.82 -22.57
N SER D 189 11.28 5.04 -23.37
CA SER D 189 11.57 4.17 -24.51
C SER D 189 11.88 2.71 -24.15
N HIS D 190 12.26 2.43 -22.91
CA HIS D 190 12.57 1.05 -22.50
C HIS D 190 11.27 0.24 -22.29
N ALA D 191 10.16 0.94 -22.07
CA ALA D 191 8.88 0.28 -21.88
C ALA D 191 8.41 -0.18 -23.27
N GLN D 192 7.50 -1.16 -23.31
CA GLN D 192 7.02 -1.60 -24.61
C GLN D 192 6.28 -0.44 -25.26
N TRP D 193 6.50 -0.26 -26.57
CA TRP D 193 5.88 0.81 -27.33
C TRP D 193 4.39 0.96 -27.12
N GLU D 194 3.65 -0.14 -27.17
CA GLU D 194 2.20 -0.09 -26.99
C GLU D 194 1.80 0.63 -25.71
N ILE D 195 2.39 0.26 -24.58
CA ILE D 195 2.00 0.94 -23.35
C ILE D 195 2.50 2.38 -23.35
N GLN D 196 3.64 2.64 -24.00
CA GLN D 196 4.17 4.01 -24.07
C GLN D 196 3.09 4.91 -24.64
N GLN D 197 2.39 4.42 -25.66
CA GLN D 197 1.33 5.17 -26.31
C GLN D 197 0.25 5.56 -25.31
N TYR D 198 -0.18 4.60 -24.48
CA TYR D 198 -1.20 4.88 -23.48
C TYR D 198 -0.67 5.90 -22.47
N ALA D 199 0.61 5.76 -22.14
CA ALA D 199 1.26 6.66 -21.19
C ALA D 199 1.25 8.11 -21.70
N LEU D 200 1.43 8.28 -23.00
CA LEU D 200 1.43 9.62 -23.58
C LEU D 200 0.03 10.20 -23.42
N ALA D 201 -0.98 9.38 -23.63
CA ALA D 201 -2.37 9.80 -23.49
C ALA D 201 -2.62 10.22 -22.04
N ILE D 202 -2.19 9.38 -21.11
CA ILE D 202 -2.35 9.67 -19.70
C ILE D 202 -1.63 10.99 -19.40
N ALA D 203 -0.41 11.13 -19.93
CA ALA D 203 0.37 12.35 -19.71
C ALA D 203 -0.38 13.60 -20.15
N ARG D 204 -1.00 13.52 -21.33
CA ARG D 204 -1.74 14.65 -21.90
C ARG D 204 -2.92 15.06 -21.02
N ILE D 205 -3.73 14.09 -20.62
CA ILE D 205 -4.88 14.40 -19.77
C ILE D 205 -4.40 15.04 -18.46
N PHE D 206 -3.31 14.50 -17.92
CA PHE D 206 -2.75 14.99 -16.67
C PHE D 206 -2.29 16.43 -16.83
N LYS D 207 -1.66 16.73 -17.97
CA LYS D 207 -1.16 18.07 -18.24
C LYS D 207 -2.32 19.06 -18.29
N GLU D 208 -3.44 18.64 -18.86
CA GLU D 208 -4.62 19.48 -18.97
C GLU D 208 -5.22 19.86 -17.62
N LYS D 209 -5.27 18.89 -16.71
CA LYS D 209 -5.85 19.15 -15.39
C LYS D 209 -4.92 19.82 -14.40
N CYS D 210 -3.62 19.50 -14.48
CA CYS D 210 -2.63 20.09 -13.57
C CYS D 210 -1.43 20.61 -14.35
N PRO D 211 -1.63 21.67 -15.14
CA PRO D 211 -0.49 22.19 -15.91
C PRO D 211 0.72 22.51 -15.03
N TRP D 212 0.48 23.23 -13.94
CA TRP D 212 1.57 23.59 -13.06
C TRP D 212 2.34 22.38 -12.53
N THR D 213 1.61 21.38 -12.04
CA THR D 213 2.27 20.20 -11.52
C THR D 213 3.01 19.44 -12.62
N PHE D 214 2.45 19.47 -13.83
CA PHE D 214 3.06 18.79 -14.96
C PHE D 214 4.36 19.46 -15.40
N GLU D 215 4.32 20.79 -15.54
CA GLU D 215 5.50 21.58 -15.93
C GLU D 215 6.65 21.24 -15.01
N ALA D 216 6.38 21.32 -13.71
CA ALA D 216 7.38 21.06 -12.70
C ALA D 216 7.90 19.63 -12.77
N PHE D 217 7.01 18.69 -13.05
CA PHE D 217 7.41 17.28 -13.16
C PHE D 217 8.44 17.07 -14.27
N LEU D 218 8.17 17.58 -15.47
CA LEU D 218 9.10 17.43 -16.58
C LEU D 218 10.46 18.04 -16.27
N LYS D 219 10.44 19.19 -15.62
CA LYS D 219 11.66 19.89 -15.28
C LYS D 219 12.54 19.32 -14.17
N TYR D 220 11.93 18.84 -13.08
CA TYR D 220 12.75 18.33 -11.99
C TYR D 220 12.62 16.89 -11.49
N ALA D 221 11.54 16.19 -11.85
CA ALA D 221 11.38 14.82 -11.34
C ALA D 221 11.22 13.71 -12.37
N TYR D 222 10.76 14.05 -13.56
CA TYR D 222 10.58 13.06 -14.63
C TYR D 222 11.90 12.37 -14.99
N LYS D 223 11.90 11.03 -14.95
CA LYS D 223 13.08 10.26 -15.28
C LYS D 223 12.95 9.63 -16.66
N GLY D 224 11.80 9.83 -17.30
CA GLY D 224 11.58 9.27 -18.62
C GLY D 224 12.27 10.04 -19.73
N ASP D 225 12.05 9.63 -20.97
CA ASP D 225 12.70 10.31 -22.09
C ASP D 225 11.81 10.72 -23.27
N ILE D 226 10.62 10.15 -23.40
CA ILE D 226 9.78 10.52 -24.55
C ILE D 226 8.93 11.78 -24.35
N LEU D 227 8.67 12.14 -23.10
CA LEU D 227 7.86 13.34 -22.84
C LEU D 227 8.68 14.59 -23.09
N LYS D 228 10.01 14.45 -23.01
CA LYS D 228 10.90 15.58 -23.23
C LYS D 228 11.08 15.79 -24.74
N GLU D 229 10.15 15.25 -25.52
CA GLU D 229 10.22 15.37 -26.97
C GLU D 229 8.88 15.21 -27.67
N VAL D 230 7.79 15.58 -26.99
CA VAL D 230 6.45 15.48 -27.54
C VAL D 230 5.59 16.66 -27.06
#